data_2CVZ
#
_entry.id   2CVZ
#
_cell.length_a   85.878
_cell.length_b   106.367
_cell.length_c   168.639
_cell.angle_alpha   90.00
_cell.angle_beta   90.00
_cell.angle_gamma   90.00
#
_symmetry.space_group_name_H-M   'P 21 21 21'
#
loop_
_entity.id
_entity.type
_entity.pdbx_description
1 polymer '3-hydroxyisobutyrate dehydrogenase'
2 non-polymer 'NADPH DIHYDRO-NICOTINAMIDE-ADENINE-DINUCLEOTIDE PHOSPHATE'
3 water water
#
_entity_poly.entity_id   1
_entity_poly.type   'polypeptide(L)'
_entity_poly.pdbx_seq_one_letter_code
;(MSE)EKVAFIGLGA(MSE)GYP(MSE)AGHLARRFPTLVWNRTFEKALRHQEEFGSEAVPLERVAEARVIFTCLPTTRE
VYEVAEALYPYLREGTYWVDATSGEPEASRRLAERLREKGVTYLDAPVSGGTSGAEAGTLTV(MSE)LGGPEEAVERVRP
FLAYAKKVVHVGPVGAGHAVKAINNALLAVNLWAAGEGLLALVKQGVSAEKALEVINASSGRSNATENLIPQRVLTRAFP
KTFALGLLVKDLGIA(MSE)GVLDGEKAPSPLLRLAREVYE(MSE)AKRELGPDADHVEALRLLERWGGVEIR
;
_entity_poly.pdbx_strand_id   A,B,C,D
#
# COMPACT_ATOMS: atom_id res chain seq x y z
N GLU A 2 -44.20 18.26 -20.74
CA GLU A 2 -43.71 17.66 -22.02
C GLU A 2 -43.21 16.23 -21.83
N LYS A 3 -43.01 15.52 -22.95
CA LYS A 3 -42.55 14.14 -23.06
C LYS A 3 -41.11 13.90 -22.54
N VAL A 4 -40.88 12.85 -21.77
CA VAL A 4 -39.53 12.46 -21.39
C VAL A 4 -39.42 11.00 -21.78
N ALA A 5 -38.20 10.50 -21.87
CA ALA A 5 -38.00 9.11 -22.24
C ALA A 5 -36.83 8.57 -21.44
N PHE A 6 -36.91 7.29 -21.08
CA PHE A 6 -35.86 6.64 -20.31
C PHE A 6 -35.37 5.38 -20.99
N ILE A 7 -34.06 5.24 -21.07
CA ILE A 7 -33.39 4.09 -21.69
C ILE A 7 -32.55 3.39 -20.63
N GLY A 8 -32.78 2.09 -20.45
CA GLY A 8 -32.01 1.33 -19.47
C GLY A 8 -32.77 1.15 -18.18
N LEU A 9 -33.69 0.20 -18.16
CA LEU A 9 -34.50 -0.05 -16.97
C LEU A 9 -33.87 -1.12 -16.10
N GLY A 10 -32.70 -0.80 -15.55
CA GLY A 10 -32.01 -1.75 -14.68
C GLY A 10 -32.34 -1.54 -13.23
N ALA A 11 -31.46 -2.02 -12.34
CA ALA A 11 -31.67 -1.89 -10.92
C ALA A 11 -31.97 -0.44 -10.54
N GLY A 13 -32.34 2.25 -13.14
CA GLY A 13 -33.24 2.80 -14.14
C GLY A 13 -34.72 2.50 -14.01
N TYR A 14 -35.07 1.27 -13.62
CA TYR A 14 -36.47 0.90 -13.49
C TYR A 14 -37.18 1.80 -12.48
N PRO A 15 -36.68 1.87 -11.23
CA PRO A 15 -37.36 2.76 -10.27
C PRO A 15 -37.25 4.24 -10.65
N ALA A 17 -37.18 5.63 -13.63
CA ALA A 17 -38.15 5.92 -14.67
C ALA A 17 -39.57 5.90 -14.10
N GLY A 18 -39.74 5.18 -12.99
CA GLY A 18 -41.06 5.11 -12.36
C GLY A 18 -41.45 6.47 -11.82
N HIS A 19 -40.48 7.19 -11.27
CA HIS A 19 -40.76 8.53 -10.75
C HIS A 19 -41.11 9.47 -11.89
N LEU A 20 -40.39 9.35 -13.00
CA LEU A 20 -40.67 10.18 -14.16
C LEU A 20 -42.07 9.88 -14.69
N ALA A 21 -42.39 8.60 -14.78
CA ALA A 21 -43.71 8.17 -15.29
C ALA A 21 -44.88 8.69 -14.47
N ARG A 22 -44.63 8.94 -13.19
CA ARG A 22 -45.71 9.45 -12.35
C ARG A 22 -45.80 10.97 -12.31
N ARG A 23 -44.94 11.64 -13.06
CA ARG A 23 -44.97 13.10 -13.11
C ARG A 23 -45.17 13.62 -14.53
N PHE A 24 -44.58 12.94 -15.50
CA PHE A 24 -44.64 13.34 -16.90
C PHE A 24 -45.02 12.21 -17.85
N PRO A 25 -45.46 12.56 -19.07
CA PRO A 25 -45.82 11.53 -20.03
C PRO A 25 -44.45 10.93 -20.28
N THR A 26 -44.29 9.65 -20.00
CA THR A 26 -42.98 9.02 -20.13
C THR A 26 -42.92 7.83 -21.07
N LEU A 27 -41.89 7.80 -21.92
CA LEU A 27 -41.70 6.70 -22.85
C LEU A 27 -40.52 5.91 -22.31
N VAL A 28 -40.59 4.59 -22.35
CA VAL A 28 -39.48 3.78 -21.85
C VAL A 28 -39.07 2.69 -22.82
N TRP A 29 -37.78 2.37 -22.82
CA TRP A 29 -37.23 1.33 -23.68
C TRP A 29 -36.14 0.60 -22.91
N ASN A 30 -36.03 -0.70 -23.15
CA ASN A 30 -34.99 -1.52 -22.53
C ASN A 30 -34.60 -2.58 -23.53
N ARG A 31 -33.31 -2.92 -23.56
CA ARG A 31 -32.79 -3.94 -24.46
C ARG A 31 -33.61 -5.22 -24.30
N THR A 32 -33.77 -5.68 -23.06
CA THR A 32 -34.61 -6.86 -22.77
C THR A 32 -35.97 -6.18 -22.57
N PHE A 33 -36.74 -6.14 -23.66
CA PHE A 33 -38.01 -5.42 -23.66
C PHE A 33 -39.09 -5.78 -22.65
N GLU A 34 -39.05 -7.01 -22.13
CA GLU A 34 -40.05 -7.41 -21.14
C GLU A 34 -40.06 -6.42 -19.98
N LYS A 35 -38.90 -5.85 -19.67
CA LYS A 35 -38.79 -4.89 -18.57
C LYS A 35 -39.59 -3.63 -18.87
N ALA A 36 -39.58 -3.20 -20.12
CA ALA A 36 -40.32 -2.00 -20.50
C ALA A 36 -41.82 -2.30 -20.40
N LEU A 37 -42.23 -3.49 -20.83
CA LEU A 37 -43.64 -3.85 -20.78
C LEU A 37 -44.09 -3.94 -19.32
N ARG A 38 -43.21 -4.46 -18.47
CA ARG A 38 -43.50 -4.59 -17.05
C ARG A 38 -43.63 -3.21 -16.42
N HIS A 39 -42.76 -2.29 -16.82
CA HIS A 39 -42.74 -0.93 -16.30
C HIS A 39 -44.01 -0.17 -16.67
N GLN A 40 -44.44 -0.34 -17.91
CA GLN A 40 -45.64 0.30 -18.42
C GLN A 40 -46.84 -0.13 -17.56
N GLU A 41 -46.94 -1.42 -17.29
CA GLU A 41 -48.02 -1.98 -16.49
C GLU A 41 -48.00 -1.44 -15.07
N GLU A 42 -46.81 -1.36 -14.49
CA GLU A 42 -46.66 -0.88 -13.11
C GLU A 42 -46.74 0.64 -12.89
N PHE A 43 -46.13 1.43 -13.77
CA PHE A 43 -46.10 2.88 -13.60
C PHE A 43 -46.90 3.77 -14.54
N GLY A 44 -47.44 3.24 -15.63
CA GLY A 44 -48.19 4.08 -16.54
C GLY A 44 -47.31 4.76 -17.56
N SER A 45 -46.09 4.25 -17.72
CA SER A 45 -45.16 4.78 -18.71
C SER A 45 -45.62 4.09 -20.00
N GLU A 46 -45.02 4.45 -21.13
CA GLU A 46 -45.39 3.81 -22.39
C GLU A 46 -44.18 3.12 -22.99
N ALA A 47 -44.24 1.80 -23.14
CA ALA A 47 -43.14 1.03 -23.71
C ALA A 47 -43.13 1.32 -25.20
N VAL A 48 -41.97 1.72 -25.74
CA VAL A 48 -41.87 2.06 -27.16
C VAL A 48 -40.60 1.54 -27.83
N PRO A 49 -40.59 1.52 -29.18
CA PRO A 49 -39.41 1.06 -29.90
C PRO A 49 -38.37 2.15 -29.63
N LEU A 50 -37.09 1.81 -29.65
CA LEU A 50 -36.04 2.80 -29.36
C LEU A 50 -36.18 4.08 -30.19
N GLU A 51 -36.52 3.94 -31.46
CA GLU A 51 -36.67 5.09 -32.34
C GLU A 51 -37.60 6.19 -31.80
N ARG A 52 -38.68 5.79 -31.14
CA ARG A 52 -39.63 6.76 -30.62
C ARG A 52 -39.11 7.60 -29.46
N VAL A 53 -38.02 7.17 -28.85
CA VAL A 53 -37.44 7.93 -27.74
C VAL A 53 -37.09 9.34 -28.22
N ALA A 54 -36.83 9.47 -29.52
CA ALA A 54 -36.48 10.76 -30.10
C ALA A 54 -37.61 11.79 -30.04
N GLU A 55 -38.81 11.36 -29.68
CA GLU A 55 -39.96 12.25 -29.57
C GLU A 55 -39.89 13.06 -28.28
N ALA A 56 -39.10 12.59 -27.33
CA ALA A 56 -38.97 13.25 -26.03
C ALA A 56 -38.14 14.52 -26.01
N ARG A 57 -38.51 15.43 -25.11
CA ARG A 57 -37.79 16.70 -24.93
C ARG A 57 -36.51 16.39 -24.15
N VAL A 58 -36.60 15.38 -23.28
CA VAL A 58 -35.46 14.96 -22.48
C VAL A 58 -35.32 13.45 -22.52
N ILE A 59 -34.13 12.97 -22.88
CA ILE A 59 -33.85 11.55 -22.95
C ILE A 59 -32.92 11.20 -21.79
N PHE A 60 -33.30 10.19 -21.00
CA PHE A 60 -32.50 9.75 -19.87
C PHE A 60 -31.91 8.38 -20.16
N THR A 61 -30.66 8.16 -19.73
CA THR A 61 -30.02 6.86 -19.88
C THR A 61 -29.37 6.47 -18.55
N CYS A 62 -29.39 5.19 -18.23
CA CYS A 62 -28.73 4.69 -17.02
C CYS A 62 -28.28 3.29 -17.41
N LEU A 63 -27.15 3.26 -18.10
CA LEU A 63 -26.55 2.04 -18.62
C LEU A 63 -25.29 1.67 -17.83
N PRO A 64 -24.69 0.52 -18.14
CA PRO A 64 -23.48 0.10 -17.42
C PRO A 64 -22.31 1.06 -17.54
N THR A 65 -21.91 1.36 -18.78
CA THR A 65 -20.78 2.24 -19.03
C THR A 65 -21.04 3.15 -20.21
N THR A 66 -20.14 4.12 -20.40
CA THR A 66 -20.26 5.05 -21.50
C THR A 66 -20.27 4.32 -22.84
N ARG A 67 -19.67 3.13 -22.87
CA ARG A 67 -19.64 2.34 -24.10
C ARG A 67 -21.06 2.06 -24.58
N GLU A 68 -21.92 1.63 -23.65
CA GLU A 68 -23.31 1.34 -24.01
C GLU A 68 -24.10 2.61 -24.33
N VAL A 69 -23.74 3.72 -23.70
CA VAL A 69 -24.43 4.98 -23.98
C VAL A 69 -24.12 5.32 -25.44
N TYR A 70 -22.88 5.09 -25.85
CA TYR A 70 -22.45 5.35 -27.23
C TYR A 70 -23.26 4.50 -28.20
N GLU A 71 -23.41 3.22 -27.88
CA GLU A 71 -24.16 2.29 -28.73
C GLU A 71 -25.58 2.81 -28.96
N VAL A 72 -26.25 3.21 -27.89
CA VAL A 72 -27.61 3.72 -27.98
C VAL A 72 -27.66 5.05 -28.75
N ALA A 73 -26.71 5.93 -28.48
CA ALA A 73 -26.66 7.22 -29.16
C ALA A 73 -26.52 7.05 -30.66
N GLU A 74 -25.63 6.16 -31.08
CA GLU A 74 -25.42 5.92 -32.49
C GLU A 74 -26.67 5.36 -33.16
N ALA A 75 -27.41 4.52 -32.45
CA ALA A 75 -28.63 3.95 -32.99
C ALA A 75 -29.70 5.04 -33.16
N LEU A 76 -29.63 6.06 -32.32
CA LEU A 76 -30.61 7.15 -32.35
C LEU A 76 -30.22 8.36 -33.21
N TYR A 77 -28.93 8.48 -33.54
CA TYR A 77 -28.45 9.61 -34.33
C TYR A 77 -29.38 10.12 -35.44
N PRO A 78 -29.83 9.22 -36.34
CA PRO A 78 -30.72 9.64 -37.44
C PRO A 78 -32.05 10.22 -36.99
N TYR A 79 -32.51 9.83 -35.81
CA TYR A 79 -33.81 10.27 -35.29
C TYR A 79 -33.80 11.45 -34.33
N LEU A 80 -32.67 11.72 -33.70
CA LEU A 80 -32.58 12.82 -32.74
C LEU A 80 -33.02 14.17 -33.30
N ARG A 81 -33.84 14.88 -32.52
CA ARG A 81 -34.37 16.18 -32.92
C ARG A 81 -33.70 17.34 -32.20
N GLU A 82 -33.61 18.49 -32.87
CA GLU A 82 -33.00 19.67 -32.29
C GLU A 82 -33.72 20.12 -31.04
N GLY A 83 -32.97 20.62 -30.06
CA GLY A 83 -33.56 21.10 -28.83
C GLY A 83 -33.76 20.03 -27.78
N THR A 84 -33.29 18.82 -28.05
CA THR A 84 -33.43 17.73 -27.09
C THR A 84 -32.30 17.75 -26.09
N TYR A 85 -32.59 17.30 -24.88
CA TYR A 85 -31.58 17.21 -23.82
C TYR A 85 -31.36 15.74 -23.54
N TRP A 86 -30.10 15.37 -23.31
CA TRP A 86 -29.75 13.99 -23.00
C TRP A 86 -29.13 13.99 -21.61
N VAL A 87 -29.87 13.47 -20.64
CA VAL A 87 -29.42 13.41 -19.25
C VAL A 87 -28.89 12.00 -19.00
N ASP A 88 -27.57 11.87 -18.91
CA ASP A 88 -26.94 10.57 -18.72
C ASP A 88 -26.63 10.26 -17.26
N ALA A 89 -27.43 9.38 -16.67
CA ALA A 89 -27.28 8.96 -15.28
C ALA A 89 -26.33 7.78 -15.12
N THR A 90 -25.70 7.39 -16.23
CA THR A 90 -24.73 6.31 -16.23
C THR A 90 -23.51 6.81 -15.43
N SER A 91 -22.83 5.93 -14.70
CA SER A 91 -21.62 6.36 -14.01
C SER A 91 -20.61 6.19 -15.13
N GLY A 92 -20.42 7.26 -15.90
CA GLY A 92 -19.54 7.20 -17.06
C GLY A 92 -18.14 7.76 -16.97
N GLU A 93 -17.47 7.73 -18.10
CA GLU A 93 -16.10 8.22 -18.25
C GLU A 93 -16.11 9.68 -18.67
N PRO A 94 -15.40 10.55 -17.94
CA PRO A 94 -15.35 11.97 -18.26
C PRO A 94 -14.97 12.30 -19.72
N GLU A 95 -13.80 11.85 -20.15
CA GLU A 95 -13.34 12.14 -21.50
C GLU A 95 -14.24 11.60 -22.61
N ALA A 96 -14.58 10.32 -22.55
CA ALA A 96 -15.45 9.72 -23.56
C ALA A 96 -16.79 10.43 -23.61
N SER A 97 -17.28 10.88 -22.46
CA SER A 97 -18.55 11.58 -22.40
C SER A 97 -18.44 12.94 -23.08
N ARG A 98 -17.31 13.62 -22.88
CA ARG A 98 -17.12 14.91 -23.52
C ARG A 98 -17.17 14.74 -25.05
N ARG A 99 -16.58 13.65 -25.54
CA ARG A 99 -16.57 13.39 -26.97
C ARG A 99 -18.00 13.14 -27.47
N LEU A 100 -18.76 12.37 -26.72
CA LEU A 100 -20.14 12.07 -27.06
C LEU A 100 -20.97 13.34 -27.08
N ALA A 101 -20.74 14.21 -26.10
CA ALA A 101 -21.46 15.47 -26.00
C ALA A 101 -21.21 16.31 -27.26
N GLU A 102 -19.98 16.24 -27.77
CA GLU A 102 -19.61 16.99 -28.96
C GLU A 102 -20.37 16.45 -30.18
N ARG A 103 -20.45 15.13 -30.30
CA ARG A 103 -21.12 14.59 -31.46
C ARG A 103 -22.64 14.79 -31.36
N LEU A 104 -23.19 14.77 -30.16
CA LEU A 104 -24.61 15.01 -29.97
C LEU A 104 -24.95 16.47 -30.26
N ARG A 105 -24.00 17.36 -29.99
CA ARG A 105 -24.20 18.78 -30.22
C ARG A 105 -24.40 19.05 -31.71
N GLU A 106 -23.94 18.13 -32.55
CA GLU A 106 -24.06 18.28 -33.99
C GLU A 106 -25.51 18.09 -34.42
N LYS A 107 -26.28 17.36 -33.61
CA LYS A 107 -27.68 17.11 -33.89
C LYS A 107 -28.61 18.04 -33.13
N GLY A 108 -28.03 19.02 -32.43
CA GLY A 108 -28.82 19.96 -31.67
C GLY A 108 -29.28 19.37 -30.35
N VAL A 109 -28.57 18.34 -29.89
CA VAL A 109 -28.89 17.67 -28.63
C VAL A 109 -27.87 18.09 -27.58
N THR A 110 -28.36 18.48 -26.40
CA THR A 110 -27.49 18.93 -25.33
C THR A 110 -27.30 17.83 -24.28
N TYR A 111 -26.07 17.32 -24.19
CA TYR A 111 -25.73 16.26 -23.25
C TYR A 111 -25.27 16.79 -21.89
N LEU A 112 -25.72 16.12 -20.83
CA LEU A 112 -25.32 16.48 -19.47
C LEU A 112 -25.02 15.19 -18.71
N ASP A 113 -23.84 15.09 -18.11
CA ASP A 113 -23.59 13.89 -17.32
C ASP A 113 -24.32 14.15 -16.00
N ALA A 114 -25.13 13.19 -15.60
CA ALA A 114 -25.90 13.32 -14.37
C ALA A 114 -25.91 12.05 -13.53
N PRO A 115 -24.72 11.52 -13.20
CA PRO A 115 -24.63 10.31 -12.38
C PRO A 115 -25.31 10.55 -11.03
N VAL A 116 -25.69 9.46 -10.37
CA VAL A 116 -26.41 9.56 -9.11
C VAL A 116 -25.84 8.72 -7.98
N SER A 117 -26.27 9.03 -6.77
CA SER A 117 -25.86 8.27 -5.60
C SER A 117 -27.07 8.12 -4.68
N GLY A 118 -27.16 6.97 -4.02
CA GLY A 118 -28.28 6.70 -3.13
C GLY A 118 -28.70 5.25 -3.21
N GLY A 119 -28.16 4.53 -4.19
CA GLY A 119 -28.48 3.12 -4.34
C GLY A 119 -29.89 2.84 -4.78
N THR A 120 -30.27 1.57 -4.86
CA THR A 120 -31.62 1.22 -5.27
C THR A 120 -32.68 1.70 -4.28
N SER A 121 -32.30 1.86 -3.01
CA SER A 121 -33.26 2.32 -2.01
C SER A 121 -33.52 3.81 -2.24
N GLY A 122 -32.48 4.54 -2.64
CA GLY A 122 -32.66 5.96 -2.91
C GLY A 122 -33.44 6.13 -4.20
N ALA A 123 -33.24 5.21 -5.15
CA ALA A 123 -33.94 5.27 -6.42
C ALA A 123 -35.42 4.98 -6.21
N GLU A 124 -35.74 4.02 -5.34
CA GLU A 124 -37.14 3.70 -5.06
C GLU A 124 -37.83 4.85 -4.34
N ALA A 125 -37.13 5.46 -3.38
CA ALA A 125 -37.70 6.58 -2.63
C ALA A 125 -37.74 7.87 -3.46
N GLY A 126 -36.86 7.96 -4.46
CA GLY A 126 -36.82 9.15 -5.29
C GLY A 126 -36.03 10.27 -4.64
N THR A 127 -35.03 9.89 -3.84
CA THR A 127 -34.20 10.84 -3.10
C THR A 127 -32.74 10.84 -3.55
N LEU A 128 -32.52 10.42 -4.80
CA LEU A 128 -31.16 10.34 -5.33
C LEU A 128 -30.44 11.68 -5.39
N THR A 129 -29.15 11.66 -5.10
CA THR A 129 -28.35 12.85 -5.19
C THR A 129 -27.81 12.84 -6.62
N VAL A 130 -27.94 13.95 -7.30
CA VAL A 130 -27.47 14.06 -8.69
C VAL A 130 -26.33 15.06 -8.78
N LEU A 132 -24.51 17.09 -11.53
CA LEU A 132 -24.59 17.51 -12.93
C LEU A 132 -23.36 18.18 -13.50
N GLY A 133 -23.05 17.81 -14.74
CA GLY A 133 -21.94 18.40 -15.45
C GLY A 133 -22.51 18.91 -16.78
N GLY A 134 -22.27 20.17 -17.11
CA GLY A 134 -22.79 20.71 -18.35
C GLY A 134 -23.01 22.21 -18.31
N PRO A 135 -23.60 22.78 -19.37
CA PRO A 135 -23.87 24.22 -19.46
C PRO A 135 -24.88 24.68 -18.41
N GLU A 136 -24.65 25.86 -17.84
CA GLU A 136 -25.55 26.41 -16.82
C GLU A 136 -26.99 26.47 -17.29
N GLU A 137 -27.20 26.98 -18.50
CA GLU A 137 -28.55 27.10 -19.05
C GLU A 137 -29.27 25.76 -19.13
N ALA A 138 -28.54 24.73 -19.56
CA ALA A 138 -29.12 23.39 -19.69
C ALA A 138 -29.48 22.82 -18.31
N VAL A 139 -28.63 23.05 -17.32
CA VAL A 139 -28.89 22.57 -15.97
C VAL A 139 -30.22 23.12 -15.46
N GLU A 140 -30.45 24.42 -15.61
CA GLU A 140 -31.69 25.01 -15.15
C GLU A 140 -32.90 24.43 -15.88
N ARG A 141 -32.71 24.08 -17.15
CA ARG A 141 -33.79 23.52 -17.96
C ARG A 141 -34.16 22.09 -17.53
N VAL A 142 -33.15 21.30 -17.14
CA VAL A 142 -33.42 19.92 -16.75
C VAL A 142 -33.81 19.68 -15.29
N ARG A 143 -33.41 20.57 -14.38
CA ARG A 143 -33.75 20.39 -12.97
C ARG A 143 -35.19 19.94 -12.71
N PRO A 144 -36.19 20.63 -13.28
CA PRO A 144 -37.59 20.21 -13.04
C PRO A 144 -37.96 18.81 -13.50
N PHE A 145 -37.15 18.22 -14.37
CA PHE A 145 -37.44 16.87 -14.87
C PHE A 145 -36.83 15.77 -14.00
N LEU A 146 -36.02 16.15 -13.02
CA LEU A 146 -35.36 15.17 -12.16
C LEU A 146 -36.28 14.73 -11.01
N ALA A 147 -37.37 14.06 -11.35
CA ALA A 147 -38.36 13.61 -10.38
C ALA A 147 -37.93 12.50 -9.44
N TYR A 148 -36.77 11.89 -9.72
CA TYR A 148 -36.24 10.80 -8.89
C TYR A 148 -35.14 11.29 -7.94
N ALA A 149 -34.91 12.59 -7.92
CA ALA A 149 -33.83 13.15 -7.10
C ALA A 149 -34.31 14.05 -5.98
N LYS A 150 -33.36 14.49 -5.15
CA LYS A 150 -33.65 15.44 -4.10
C LYS A 150 -32.53 16.47 -4.15
N LYS A 151 -31.33 16.07 -3.74
CA LYS A 151 -30.18 16.96 -3.78
C LYS A 151 -29.57 16.96 -5.18
N VAL A 152 -29.61 18.10 -5.85
CA VAL A 152 -29.06 18.21 -7.20
C VAL A 152 -28.00 19.31 -7.22
N VAL A 153 -26.76 18.92 -7.51
CA VAL A 153 -25.65 19.87 -7.53
C VAL A 153 -24.95 19.99 -8.88
N HIS A 154 -24.78 21.22 -9.34
CA HIS A 154 -24.07 21.47 -10.59
C HIS A 154 -22.59 21.56 -10.20
N VAL A 155 -21.80 20.59 -10.63
CA VAL A 155 -20.39 20.55 -10.27
C VAL A 155 -19.39 21.02 -11.32
N GLY A 156 -19.87 21.35 -12.51
CA GLY A 156 -18.97 21.82 -13.55
C GLY A 156 -19.43 21.52 -14.95
N PRO A 157 -18.55 21.64 -15.94
CA PRO A 157 -18.88 21.39 -17.36
C PRO A 157 -19.04 19.90 -17.60
N VAL A 158 -19.36 19.54 -18.84
CA VAL A 158 -19.53 18.13 -19.18
C VAL A 158 -18.33 17.31 -18.71
N GLY A 159 -18.61 16.20 -18.02
CA GLY A 159 -17.55 15.34 -17.54
C GLY A 159 -17.29 15.48 -16.05
N ALA A 160 -17.54 16.66 -15.50
CA ALA A 160 -17.32 16.92 -14.07
C ALA A 160 -18.22 16.05 -13.21
N GLY A 161 -19.45 15.83 -13.66
CA GLY A 161 -20.38 15.00 -12.91
C GLY A 161 -19.82 13.59 -12.78
N HIS A 162 -19.39 13.02 -13.90
CA HIS A 162 -18.83 11.68 -13.89
C HIS A 162 -17.58 11.60 -13.00
N ALA A 163 -16.76 12.66 -13.03
CA ALA A 163 -15.55 12.69 -12.23
C ALA A 163 -15.86 12.62 -10.74
N VAL A 164 -16.80 13.46 -10.29
CA VAL A 164 -17.17 13.47 -8.88
C VAL A 164 -17.77 12.13 -8.44
N LYS A 165 -18.59 11.52 -9.29
CA LYS A 165 -19.19 10.24 -8.96
C LYS A 165 -18.13 9.17 -8.77
N ALA A 166 -17.16 9.12 -9.68
CA ALA A 166 -16.09 8.13 -9.57
C ALA A 166 -15.34 8.27 -8.26
N ILE A 167 -15.00 9.50 -7.90
CA ILE A 167 -14.29 9.75 -6.65
C ILE A 167 -15.19 9.39 -5.47
N ASN A 168 -16.47 9.76 -5.53
CA ASN A 168 -17.37 9.41 -4.44
C ASN A 168 -17.38 7.90 -4.22
N ASN A 169 -17.48 7.15 -5.31
CA ASN A 169 -17.49 5.71 -5.18
C ASN A 169 -16.17 5.13 -4.72
N ALA A 170 -15.07 5.82 -5.02
CA ALA A 170 -13.77 5.36 -4.57
C ALA A 170 -13.73 5.51 -3.05
N LEU A 171 -14.31 6.59 -2.54
CA LEU A 171 -14.33 6.82 -1.11
C LEU A 171 -15.20 5.75 -0.44
N LEU A 172 -16.34 5.45 -1.06
CA LEU A 172 -17.23 4.42 -0.52
C LEU A 172 -16.45 3.11 -0.44
N ALA A 173 -15.75 2.78 -1.51
CA ALA A 173 -14.99 1.53 -1.57
C ALA A 173 -13.95 1.45 -0.46
N VAL A 174 -13.15 2.50 -0.30
CA VAL A 174 -12.14 2.51 0.75
C VAL A 174 -12.77 2.40 2.13
N ASN A 175 -13.77 3.23 2.39
CA ASN A 175 -14.44 3.21 3.69
C ASN A 175 -14.96 1.82 4.03
N LEU A 176 -15.59 1.18 3.05
CA LEU A 176 -16.18 -0.14 3.23
C LEU A 176 -15.15 -1.24 3.51
N TRP A 177 -14.08 -1.28 2.72
CA TRP A 177 -13.06 -2.30 2.88
C TRP A 177 -12.29 -2.15 4.20
N ALA A 178 -11.90 -0.91 4.52
CA ALA A 178 -11.18 -0.66 5.76
C ALA A 178 -12.02 -1.10 6.96
N ALA A 179 -13.31 -0.80 6.92
CA ALA A 179 -14.20 -1.17 8.00
C ALA A 179 -14.20 -2.69 8.11
N GLY A 180 -14.20 -3.35 6.96
CA GLY A 180 -14.16 -4.81 6.94
C GLY A 180 -12.91 -5.35 7.60
N GLU A 181 -11.76 -4.80 7.23
CA GLU A 181 -10.49 -5.23 7.82
C GLU A 181 -10.51 -5.06 9.33
N GLY A 182 -10.98 -3.91 9.79
CA GLY A 182 -11.01 -3.61 11.21
C GLY A 182 -12.00 -4.45 12.00
N LEU A 183 -13.21 -4.61 11.47
CA LEU A 183 -14.22 -5.40 12.14
C LEU A 183 -13.82 -6.88 12.20
N LEU A 184 -13.19 -7.36 11.13
CA LEU A 184 -12.75 -8.75 11.08
C LEU A 184 -11.80 -9.02 12.24
N ALA A 185 -10.84 -8.11 12.43
CA ALA A 185 -9.87 -8.24 13.52
C ALA A 185 -10.56 -8.27 14.88
N LEU A 186 -11.49 -7.34 15.09
CA LEU A 186 -12.21 -7.26 16.35
C LEU A 186 -13.02 -8.52 16.60
N VAL A 187 -13.73 -8.99 15.58
CA VAL A 187 -14.55 -10.20 15.71
C VAL A 187 -13.68 -11.40 16.07
N LYS A 188 -12.52 -11.51 15.43
CA LYS A 188 -11.67 -12.66 15.70
C LYS A 188 -11.17 -12.68 17.14
N GLN A 189 -11.09 -11.52 17.80
CA GLN A 189 -10.67 -11.52 19.20
C GLN A 189 -11.85 -11.50 20.18
N GLY A 190 -13.04 -11.83 19.69
CA GLY A 190 -14.19 -11.90 20.57
C GLY A 190 -15.12 -10.71 20.70
N VAL A 191 -14.82 -9.60 20.04
CA VAL A 191 -15.69 -8.45 20.13
C VAL A 191 -16.81 -8.56 19.09
N SER A 192 -18.04 -8.33 19.53
CA SER A 192 -19.20 -8.37 18.65
C SER A 192 -19.15 -7.25 17.61
N ALA A 193 -19.38 -7.58 16.34
CA ALA A 193 -19.39 -6.56 15.30
C ALA A 193 -20.56 -5.63 15.60
N GLU A 194 -21.62 -6.20 16.15
CA GLU A 194 -22.81 -5.42 16.52
C GLU A 194 -22.39 -4.35 17.52
N LYS A 195 -21.70 -4.77 18.57
CA LYS A 195 -21.23 -3.86 19.62
C LYS A 195 -20.24 -2.84 19.05
N ALA A 196 -19.28 -3.33 18.27
CA ALA A 196 -18.27 -2.46 17.67
C ALA A 196 -18.92 -1.38 16.80
N LEU A 197 -19.92 -1.76 16.01
CA LEU A 197 -20.59 -0.78 15.16
C LEU A 197 -21.45 0.18 15.96
N GLU A 198 -22.03 -0.29 17.07
CA GLU A 198 -22.84 0.59 17.90
C GLU A 198 -21.90 1.72 18.36
N VAL A 199 -20.67 1.36 18.69
CA VAL A 199 -19.69 2.36 19.11
C VAL A 199 -19.22 3.20 17.94
N ILE A 200 -18.75 2.55 16.89
CA ILE A 200 -18.24 3.25 15.72
C ILE A 200 -19.24 4.21 15.08
N ASN A 201 -20.50 3.80 14.96
CA ASN A 201 -21.48 4.67 14.35
C ASN A 201 -21.87 5.86 15.23
N ALA A 202 -21.31 5.88 16.45
CA ALA A 202 -21.55 6.97 17.38
C ALA A 202 -20.18 7.61 17.66
N SER A 203 -19.20 7.26 16.83
CA SER A 203 -17.85 7.78 16.98
C SER A 203 -17.27 8.37 15.70
N SER A 204 -16.03 8.84 15.78
CA SER A 204 -15.35 9.48 14.66
C SER A 204 -15.06 8.63 13.43
N GLY A 205 -15.08 7.32 13.57
CA GLY A 205 -14.78 6.46 12.44
C GLY A 205 -16.00 6.09 11.61
N ARG A 206 -17.15 6.65 11.95
CA ARG A 206 -18.38 6.32 11.21
C ARG A 206 -18.40 6.83 9.78
N SER A 207 -19.14 6.10 8.94
CA SER A 207 -19.29 6.44 7.54
C SER A 207 -20.59 5.82 7.05
N ASN A 208 -21.02 6.19 5.85
CA ASN A 208 -22.24 5.62 5.30
C ASN A 208 -22.07 4.10 5.24
N ALA A 209 -20.84 3.66 4.99
CA ALA A 209 -20.57 2.23 4.90
C ALA A 209 -20.84 1.51 6.23
N THR A 210 -20.40 2.09 7.34
CA THR A 210 -20.62 1.45 8.64
C THR A 210 -22.03 1.66 9.16
N GLU A 211 -22.67 2.75 8.74
CA GLU A 211 -24.00 3.09 9.18
C GLU A 211 -25.13 2.44 8.42
N ASN A 212 -25.01 2.39 7.10
CA ASN A 212 -26.08 1.87 6.26
C ASN A 212 -25.84 0.66 5.35
N LEU A 213 -24.62 0.12 5.34
CA LEU A 213 -24.35 -1.03 4.50
C LEU A 213 -23.96 -2.27 5.30
N ILE A 214 -22.99 -2.14 6.19
CA ILE A 214 -22.55 -3.29 6.95
C ILE A 214 -23.60 -3.89 7.90
N PRO A 215 -24.24 -3.07 8.75
CA PRO A 215 -25.25 -3.63 9.65
C PRO A 215 -26.41 -4.29 8.91
N GLN A 216 -26.85 -3.64 7.83
CA GLN A 216 -27.98 -4.12 7.05
C GLN A 216 -27.74 -5.33 6.15
N ARG A 217 -26.52 -5.44 5.61
CA ARG A 217 -26.20 -6.52 4.68
C ARG A 217 -25.25 -7.59 5.17
N VAL A 218 -24.31 -7.22 6.03
CA VAL A 218 -23.32 -8.16 6.52
C VAL A 218 -23.71 -8.82 7.84
N LEU A 219 -24.00 -8.02 8.86
CA LEU A 219 -24.38 -8.57 10.16
C LEU A 219 -25.61 -9.47 10.05
N THR A 220 -26.54 -9.10 9.16
CA THR A 220 -27.77 -9.86 8.95
C THR A 220 -27.55 -11.09 8.07
N ARG A 221 -26.40 -11.15 7.41
CA ARG A 221 -26.05 -12.24 6.51
C ARG A 221 -26.97 -12.22 5.29
N ALA A 222 -27.69 -11.11 5.10
CA ALA A 222 -28.62 -10.99 3.98
C ALA A 222 -27.95 -10.81 2.63
N PHE A 223 -26.89 -10.00 2.59
CA PHE A 223 -26.15 -9.72 1.36
C PHE A 223 -27.08 -9.58 0.14
N PRO A 224 -27.99 -8.61 0.18
CA PRO A 224 -28.90 -8.42 -0.96
C PRO A 224 -28.12 -7.91 -2.16
N LYS A 225 -28.62 -8.21 -3.36
CA LYS A 225 -27.96 -7.77 -4.58
C LYS A 225 -28.61 -6.47 -5.07
N THR A 226 -27.88 -5.36 -4.97
CA THR A 226 -28.43 -4.08 -5.43
C THR A 226 -27.45 -3.31 -6.31
N PHE A 227 -26.16 -3.58 -6.17
CA PHE A 227 -25.13 -2.89 -6.96
C PHE A 227 -23.99 -3.88 -7.21
N ALA A 228 -23.84 -4.31 -8.46
CA ALA A 228 -22.83 -5.28 -8.85
C ALA A 228 -21.40 -4.91 -8.51
N LEU A 229 -20.66 -5.86 -7.94
CA LEU A 229 -19.26 -5.67 -7.56
C LEU A 229 -18.48 -5.28 -8.82
N GLY A 230 -18.85 -5.88 -9.95
CA GLY A 230 -18.18 -5.58 -11.20
C GLY A 230 -18.29 -4.12 -11.59
N LEU A 231 -19.45 -3.52 -11.32
CA LEU A 231 -19.67 -2.11 -11.64
C LEU A 231 -18.87 -1.21 -10.71
N LEU A 232 -18.74 -1.62 -9.44
CA LEU A 232 -17.95 -0.83 -8.50
C LEU A 232 -16.50 -0.84 -8.96
N VAL A 233 -16.01 -1.99 -9.40
CA VAL A 233 -14.64 -2.07 -9.87
C VAL A 233 -14.49 -1.17 -11.10
N LYS A 234 -15.53 -1.15 -11.93
CA LYS A 234 -15.51 -0.29 -13.12
C LYS A 234 -15.42 1.17 -12.68
N ASP A 235 -16.17 1.55 -11.65
CA ASP A 235 -16.14 2.92 -11.14
C ASP A 235 -14.75 3.23 -10.58
N LEU A 236 -14.17 2.27 -9.88
CA LEU A 236 -12.84 2.47 -9.32
C LEU A 236 -11.87 2.73 -10.47
N GLY A 237 -12.09 2.06 -11.59
CA GLY A 237 -11.24 2.26 -12.74
C GLY A 237 -11.36 3.69 -13.26
N ILE A 238 -12.57 4.22 -13.25
CA ILE A 238 -12.79 5.59 -13.71
C ILE A 238 -12.11 6.55 -12.73
N ALA A 239 -12.17 6.22 -11.45
CA ALA A 239 -11.55 7.06 -10.43
C ALA A 239 -10.04 7.10 -10.65
N GLY A 241 -8.60 7.01 -13.40
CA GLY A 241 -8.41 7.92 -14.52
C GLY A 241 -8.41 9.36 -14.04
N VAL A 242 -9.25 9.65 -13.04
CA VAL A 242 -9.32 10.99 -12.48
C VAL A 242 -8.02 11.30 -11.76
N LEU A 243 -7.50 10.31 -11.01
CA LEU A 243 -6.24 10.49 -10.29
C LEU A 243 -5.07 10.64 -11.27
N ASP A 244 -5.23 10.11 -12.47
CA ASP A 244 -4.19 10.19 -13.49
C ASP A 244 -4.02 11.60 -14.05
N GLY A 245 -5.01 12.46 -13.79
CA GLY A 245 -4.94 13.83 -14.29
C GLY A 245 -3.70 14.58 -13.83
N GLU A 246 -3.47 14.55 -12.52
CA GLU A 246 -2.33 15.23 -11.91
C GLU A 246 -1.31 14.20 -11.43
N LYS A 247 -1.81 13.02 -11.07
CA LYS A 247 -0.97 11.93 -10.57
C LYS A 247 -0.28 12.29 -9.26
N ALA A 248 -0.98 13.05 -8.42
CA ALA A 248 -0.44 13.40 -7.11
C ALA A 248 -0.44 12.09 -6.32
N PRO A 249 0.50 11.92 -5.38
CA PRO A 249 0.56 10.68 -4.60
C PRO A 249 -0.80 10.30 -4.01
N SER A 250 -1.31 9.13 -4.41
CA SER A 250 -2.60 8.67 -3.94
C SER A 250 -2.55 7.17 -3.63
N PRO A 251 -1.68 6.79 -2.69
CA PRO A 251 -1.51 5.39 -2.28
C PRO A 251 -2.77 4.64 -1.84
N LEU A 252 -3.58 5.26 -0.98
CA LEU A 252 -4.79 4.58 -0.50
C LEU A 252 -5.80 4.28 -1.61
N LEU A 253 -6.16 5.27 -2.42
CA LEU A 253 -7.13 5.02 -3.48
C LEU A 253 -6.59 4.08 -4.55
N ARG A 254 -5.28 4.15 -4.81
CA ARG A 254 -4.69 3.25 -5.82
C ARG A 254 -4.82 1.81 -5.32
N LEU A 255 -4.54 1.60 -4.04
CA LEU A 255 -4.63 0.26 -3.47
C LEU A 255 -6.06 -0.26 -3.46
N ALA A 256 -7.02 0.63 -3.23
CA ALA A 256 -8.42 0.25 -3.19
C ALA A 256 -8.86 -0.44 -4.49
N ARG A 257 -8.41 0.06 -5.64
CA ARG A 257 -8.78 -0.54 -6.91
C ARG A 257 -8.29 -1.98 -6.97
N GLU A 258 -7.05 -2.19 -6.53
CA GLU A 258 -6.46 -3.52 -6.56
C GLU A 258 -7.17 -4.52 -5.64
N VAL A 259 -7.49 -4.12 -4.41
CA VAL A 259 -8.16 -5.06 -3.51
C VAL A 259 -9.57 -5.42 -3.99
N TYR A 260 -10.29 -4.45 -4.54
CA TYR A 260 -11.62 -4.77 -5.03
C TYR A 260 -11.52 -5.63 -6.28
N GLU A 261 -10.44 -5.50 -7.04
CA GLU A 261 -10.25 -6.34 -8.21
C GLU A 261 -10.10 -7.78 -7.72
N ALA A 263 -11.36 -9.13 -5.06
CA ALA A 263 -12.69 -9.58 -4.66
C ALA A 263 -13.50 -9.98 -5.89
N LYS A 264 -13.40 -9.18 -6.95
CA LYS A 264 -14.14 -9.46 -8.17
C LYS A 264 -13.69 -10.78 -8.80
N ARG A 265 -12.39 -11.01 -8.82
CA ARG A 265 -11.85 -12.23 -9.40
C ARG A 265 -12.15 -13.46 -8.56
N GLU A 266 -12.31 -13.27 -7.26
CA GLU A 266 -12.61 -14.38 -6.37
C GLU A 266 -14.11 -14.66 -6.23
N LEU A 267 -14.92 -13.61 -6.22
CA LEU A 267 -16.37 -13.73 -6.05
C LEU A 267 -17.22 -13.57 -7.30
N GLY A 268 -16.65 -13.03 -8.37
CA GLY A 268 -17.41 -12.83 -9.59
C GLY A 268 -17.95 -11.40 -9.68
N PRO A 269 -18.09 -10.86 -10.90
CA PRO A 269 -18.60 -9.50 -11.09
C PRO A 269 -20.06 -9.27 -10.71
N ASP A 270 -20.87 -10.32 -10.73
CA ASP A 270 -22.28 -10.17 -10.39
C ASP A 270 -22.64 -10.32 -8.92
N ALA A 271 -21.64 -10.46 -8.06
CA ALA A 271 -21.88 -10.54 -6.63
C ALA A 271 -22.20 -9.10 -6.25
N ASP A 272 -22.83 -8.87 -5.11
CA ASP A 272 -23.12 -7.50 -4.72
C ASP A 272 -21.81 -6.87 -4.25
N HIS A 273 -21.69 -5.57 -4.42
CA HIS A 273 -20.45 -4.90 -4.02
C HIS A 273 -20.07 -5.13 -2.55
N VAL A 274 -21.05 -5.23 -1.66
CA VAL A 274 -20.76 -5.44 -0.24
C VAL A 274 -20.25 -6.86 0.03
N GLU A 275 -20.50 -7.77 -0.90
CA GLU A 275 -20.02 -9.13 -0.74
C GLU A 275 -18.50 -9.18 -0.84
N ALA A 276 -17.88 -8.04 -1.17
CA ALA A 276 -16.42 -8.01 -1.24
C ALA A 276 -15.89 -8.39 0.14
N LEU A 277 -16.65 -8.07 1.18
CA LEU A 277 -16.25 -8.38 2.54
C LEU A 277 -16.22 -9.88 2.81
N ARG A 278 -16.88 -10.66 1.95
CA ARG A 278 -16.88 -12.12 2.13
C ARG A 278 -15.46 -12.65 1.92
N LEU A 279 -14.66 -11.94 1.13
CA LEU A 279 -13.29 -12.39 0.90
C LEU A 279 -12.51 -12.26 2.21
N LEU A 280 -12.77 -11.20 2.97
CA LEU A 280 -12.09 -11.01 4.25
C LEU A 280 -12.55 -12.07 5.24
N GLU A 281 -13.84 -12.41 5.19
CA GLU A 281 -14.37 -13.42 6.10
C GLU A 281 -13.73 -14.77 5.76
N ARG A 282 -13.55 -15.02 4.46
CA ARG A 282 -12.95 -16.27 4.01
C ARG A 282 -11.54 -16.39 4.57
N TRP A 283 -10.73 -15.35 4.39
CA TRP A 283 -9.36 -15.38 4.88
C TRP A 283 -9.33 -15.45 6.40
N GLY A 284 -10.21 -14.70 7.05
CA GLY A 284 -10.25 -14.68 8.51
C GLY A 284 -10.85 -15.92 9.15
N GLY A 285 -11.59 -16.71 8.37
CA GLY A 285 -12.20 -17.91 8.91
C GLY A 285 -13.28 -17.60 9.95
N VAL A 286 -13.93 -16.46 9.78
CA VAL A 286 -14.97 -16.05 10.70
C VAL A 286 -15.91 -15.08 10.00
N GLU A 287 -17.18 -15.11 10.40
CA GLU A 287 -18.15 -14.20 9.80
C GLU A 287 -18.19 -12.92 10.61
N ILE A 288 -18.44 -11.80 9.93
CA ILE A 288 -18.53 -10.52 10.62
C ILE A 288 -19.95 -10.40 11.18
N ARG A 289 -20.09 -10.67 12.47
CA ARG A 289 -21.37 -10.59 13.17
C ARG A 289 -21.13 -9.96 14.54
N GLU B 2 -20.80 10.32 45.27
CA GLU B 2 -19.55 10.05 46.04
C GLU B 2 -18.41 10.88 45.46
N LYS B 3 -17.24 10.78 46.08
CA LYS B 3 -16.07 11.54 45.63
C LYS B 3 -15.32 10.88 44.47
N VAL B 4 -15.00 11.66 43.46
CA VAL B 4 -14.27 11.15 42.31
C VAL B 4 -13.03 12.02 42.09
N ALA B 5 -12.08 11.50 41.32
CA ALA B 5 -10.84 12.23 41.05
C ALA B 5 -10.45 12.06 39.60
N PHE B 6 -9.84 13.09 39.03
CA PHE B 6 -9.43 13.03 37.63
C PHE B 6 -7.95 13.38 37.50
N ILE B 7 -7.21 12.56 36.75
CA ILE B 7 -5.79 12.75 36.50
C ILE B 7 -5.60 12.98 35.00
N GLY B 8 -4.93 14.07 34.65
CA GLY B 8 -4.66 14.40 33.26
C GLY B 8 -5.65 15.39 32.68
N LEU B 9 -5.47 16.66 32.98
CA LEU B 9 -6.37 17.71 32.50
C LEU B 9 -5.88 18.28 31.16
N GLY B 10 -5.89 17.43 30.13
CA GLY B 10 -5.45 17.87 28.83
C GLY B 10 -6.59 18.38 27.97
N ALA B 11 -6.41 18.34 26.65
CA ALA B 11 -7.44 18.82 25.73
C ALA B 11 -8.76 18.09 26.00
N GLY B 13 -9.16 15.77 28.95
CA GLY B 13 -9.35 15.69 30.38
C GLY B 13 -9.90 16.93 31.07
N TYR B 14 -9.48 18.11 30.62
CA TYR B 14 -9.94 19.35 31.24
C TYR B 14 -11.47 19.45 31.16
N PRO B 15 -12.05 19.41 29.94
CA PRO B 15 -13.51 19.50 29.89
C PRO B 15 -14.22 18.30 30.52
N ALA B 17 -13.30 16.47 33.09
CA ALA B 17 -13.30 16.65 34.54
C ALA B 17 -14.27 17.74 34.94
N GLY B 18 -14.52 18.67 34.01
CA GLY B 18 -15.46 19.75 34.29
C GLY B 18 -16.87 19.23 34.51
N HIS B 19 -17.27 18.24 33.72
CA HIS B 19 -18.59 17.64 33.86
C HIS B 19 -18.68 16.89 35.17
N LEU B 20 -17.59 16.23 35.54
CA LEU B 20 -17.55 15.50 36.78
C LEU B 20 -17.71 16.49 37.94
N ALA B 21 -16.96 17.58 37.87
CA ALA B 21 -16.98 18.60 38.92
C ALA B 21 -18.34 19.24 39.14
N ARG B 22 -19.16 19.27 38.10
CA ARG B 22 -20.48 19.86 38.23
C ARG B 22 -21.55 18.87 38.68
N ARG B 23 -21.16 17.62 38.91
CA ARG B 23 -22.11 16.60 39.37
C ARG B 23 -21.70 15.96 40.69
N PHE B 24 -20.39 15.82 40.91
CA PHE B 24 -19.86 15.18 42.12
C PHE B 24 -18.72 15.98 42.77
N PRO B 25 -18.44 15.69 44.05
CA PRO B 25 -17.34 16.39 44.72
C PRO B 25 -16.15 15.81 43.95
N THR B 26 -15.42 16.66 43.25
CA THR B 26 -14.31 16.20 42.42
C THR B 26 -12.93 16.75 42.75
N LEU B 27 -11.96 15.85 42.82
CA LEU B 27 -10.58 16.24 43.09
C LEU B 27 -9.84 16.11 41.75
N VAL B 28 -8.96 17.06 41.44
CA VAL B 28 -8.21 17.00 40.20
C VAL B 28 -6.72 17.20 40.38
N TRP B 29 -5.93 16.56 39.52
CA TRP B 29 -4.48 16.68 39.55
C TRP B 29 -3.95 16.67 38.13
N ASN B 30 -2.86 17.38 37.90
CA ASN B 30 -2.22 17.42 36.58
C ASN B 30 -0.74 17.67 36.80
N ARG B 31 0.09 17.02 35.98
CA ARG B 31 1.54 17.17 36.07
C ARG B 31 1.91 18.66 36.11
N THR B 32 1.43 19.42 35.13
CA THR B 32 1.64 20.85 35.07
C THR B 32 0.49 21.35 35.94
N PHE B 33 0.74 21.49 37.23
CA PHE B 33 -0.30 21.85 38.18
C PHE B 33 -1.14 23.08 37.95
N GLU B 34 -0.63 24.05 37.20
CA GLU B 34 -1.38 25.27 36.90
C GLU B 34 -2.76 24.92 36.31
N LYS B 35 -2.82 23.84 35.55
CA LYS B 35 -4.07 23.41 34.93
C LYS B 35 -5.09 22.99 35.97
N ALA B 36 -4.61 22.38 37.05
CA ALA B 36 -5.49 21.93 38.13
C ALA B 36 -6.05 23.14 38.87
N LEU B 37 -5.19 24.11 39.14
CA LEU B 37 -5.62 25.32 39.83
C LEU B 37 -6.64 26.08 38.98
N ARG B 38 -6.40 26.11 37.67
CA ARG B 38 -7.29 26.80 36.73
C ARG B 38 -8.65 26.10 36.71
N HIS B 39 -8.61 24.77 36.69
CA HIS B 39 -9.82 23.95 36.67
C HIS B 39 -10.65 24.17 37.92
N GLN B 40 -9.99 24.27 39.08
CA GLN B 40 -10.68 24.49 40.35
C GLN B 40 -11.46 25.80 40.31
N GLU B 41 -10.80 26.83 39.80
CA GLU B 41 -11.42 28.15 39.71
C GLU B 41 -12.59 28.18 38.74
N GLU B 42 -12.48 27.41 37.66
CA GLU B 42 -13.54 27.37 36.66
C GLU B 42 -14.73 26.45 36.95
N PHE B 43 -14.48 25.25 37.49
CA PHE B 43 -15.55 24.30 37.74
C PHE B 43 -15.95 23.92 39.16
N GLY B 44 -15.22 24.37 40.17
CA GLY B 44 -15.59 24.00 41.51
C GLY B 44 -14.98 22.68 41.95
N SER B 45 -14.02 22.19 41.17
CA SER B 45 -13.32 20.95 41.51
C SER B 45 -12.30 21.40 42.57
N GLU B 46 -11.55 20.46 43.12
CA GLU B 46 -10.53 20.82 44.10
C GLU B 46 -9.18 20.28 43.63
N ALA B 47 -8.21 21.18 43.45
CA ALA B 47 -6.87 20.77 43.02
C ALA B 47 -6.19 20.14 44.22
N VAL B 48 -5.62 18.95 44.04
CA VAL B 48 -4.97 18.25 45.14
C VAL B 48 -3.66 17.58 44.77
N PRO B 49 -2.85 17.21 45.78
CA PRO B 49 -1.59 16.53 45.51
C PRO B 49 -2.01 15.17 44.99
N LEU B 50 -1.22 14.56 44.12
CA LEU B 50 -1.55 13.25 43.55
C LEU B 50 -2.01 12.22 44.59
N GLU B 51 -1.30 12.18 45.71
CA GLU B 51 -1.62 11.23 46.78
C GLU B 51 -3.08 11.28 47.21
N ARG B 52 -3.67 12.47 47.25
CA ARG B 52 -5.06 12.59 47.67
C ARG B 52 -6.08 11.98 46.71
N VAL B 53 -5.64 11.69 45.48
CA VAL B 53 -6.53 11.09 44.49
C VAL B 53 -7.04 9.75 45.02
N ALA B 54 -6.26 9.10 45.88
CA ALA B 54 -6.64 7.81 46.44
C ALA B 54 -7.88 7.90 47.34
N GLU B 55 -8.27 9.12 47.69
CA GLU B 55 -9.44 9.33 48.53
C GLU B 55 -10.73 9.06 47.77
N ALA B 56 -10.62 9.05 46.44
CA ALA B 56 -11.78 8.87 45.58
C ALA B 56 -12.31 7.45 45.45
N ARG B 57 -13.62 7.35 45.19
CA ARG B 57 -14.28 6.07 44.99
C ARG B 57 -13.95 5.66 43.55
N VAL B 58 -13.87 6.65 42.66
CA VAL B 58 -13.55 6.42 41.26
C VAL B 58 -12.45 7.36 40.80
N ILE B 59 -11.39 6.78 40.26
CA ILE B 59 -10.25 7.53 39.75
C ILE B 59 -10.31 7.50 38.23
N PHE B 60 -10.21 8.67 37.60
CA PHE B 60 -10.25 8.76 36.13
C PHE B 60 -8.89 9.23 35.61
N THR B 61 -8.46 8.67 34.49
CA THR B 61 -7.23 9.11 33.85
C THR B 61 -7.45 9.32 32.36
N CYS B 62 -6.83 10.36 31.81
CA CYS B 62 -6.90 10.61 30.37
C CYS B 62 -5.53 11.16 30.01
N LEU B 63 -4.59 10.23 29.83
CA LEU B 63 -3.21 10.56 29.53
C LEU B 63 -2.87 10.16 28.09
N PRO B 64 -1.65 10.50 27.63
CA PRO B 64 -1.24 10.17 26.26
C PRO B 64 -1.27 8.68 25.94
N THR B 65 -0.58 7.88 26.75
CA THR B 65 -0.54 6.44 26.51
C THR B 65 -0.55 5.64 27.80
N THR B 66 -0.67 4.33 27.65
CA THR B 66 -0.69 3.44 28.80
C THR B 66 0.59 3.62 29.63
N ARG B 67 1.67 4.01 28.97
CA ARG B 67 2.94 4.22 29.68
C ARG B 67 2.76 5.21 30.83
N GLU B 68 2.11 6.34 30.55
CA GLU B 68 1.88 7.34 31.58
C GLU B 68 0.88 6.86 32.62
N VAL B 69 -0.11 6.06 32.22
CA VAL B 69 -1.07 5.54 33.18
C VAL B 69 -0.31 4.64 34.16
N TYR B 70 0.66 3.88 33.65
CA TYR B 70 1.47 3.00 34.49
C TYR B 70 2.22 3.84 35.52
N GLU B 71 2.78 4.95 35.04
CA GLU B 71 3.53 5.88 35.89
C GLU B 71 2.73 6.39 37.07
N VAL B 72 1.52 6.88 36.81
CA VAL B 72 0.70 7.41 37.89
C VAL B 72 0.19 6.30 38.80
N ALA B 73 -0.09 5.13 38.24
CA ALA B 73 -0.58 4.02 39.04
C ALA B 73 0.51 3.60 40.04
N GLU B 74 1.75 3.56 39.59
CA GLU B 74 2.85 3.17 40.47
C GLU B 74 3.05 4.20 41.58
N ALA B 75 2.83 5.47 41.24
CA ALA B 75 2.96 6.55 42.21
C ALA B 75 1.86 6.46 43.26
N LEU B 76 0.68 5.98 42.86
CA LEU B 76 -0.46 5.85 43.76
C LEU B 76 -0.55 4.50 44.47
N TYR B 77 0.07 3.49 43.89
CA TYR B 77 0.04 2.14 44.44
C TYR B 77 0.04 2.01 45.97
N PRO B 78 0.96 2.71 46.65
CA PRO B 78 1.03 2.65 48.11
C PRO B 78 -0.16 3.22 48.88
N TYR B 79 -0.98 4.01 48.19
CA TYR B 79 -2.13 4.66 48.82
C TYR B 79 -3.50 4.15 48.37
N LEU B 80 -3.54 3.39 47.28
CA LEU B 80 -4.80 2.86 46.76
C LEU B 80 -5.59 2.03 47.78
N ARG B 81 -6.89 2.28 47.85
CA ARG B 81 -7.77 1.59 48.78
C ARG B 81 -8.68 0.58 48.10
N GLU B 82 -8.97 -0.51 48.81
CA GLU B 82 -9.84 -1.56 48.28
C GLU B 82 -11.23 -1.00 48.00
N GLY B 83 -11.87 -1.52 46.95
CA GLY B 83 -13.20 -1.07 46.59
C GLY B 83 -13.21 0.12 45.67
N THR B 84 -12.03 0.57 45.27
CA THR B 84 -11.90 1.72 44.37
C THR B 84 -11.95 1.26 42.91
N TYR B 85 -12.42 2.15 42.04
CA TYR B 85 -12.50 1.86 40.61
C TYR B 85 -11.55 2.79 39.87
N TRP B 86 -10.95 2.30 38.79
CA TRP B 86 -10.05 3.10 37.99
C TRP B 86 -10.60 3.09 36.56
N VAL B 87 -11.13 4.24 36.14
CA VAL B 87 -11.70 4.39 34.80
C VAL B 87 -10.68 5.09 33.92
N ASP B 88 -10.07 4.34 33.01
CA ASP B 88 -9.04 4.87 32.12
C ASP B 88 -9.56 5.31 30.75
N ALA B 89 -9.67 6.62 30.55
CA ALA B 89 -10.14 7.18 29.28
C ALA B 89 -9.00 7.41 28.30
N THR B 90 -7.80 6.97 28.66
CA THR B 90 -6.64 7.09 27.77
C THR B 90 -6.91 6.15 26.60
N SER B 91 -6.43 6.47 25.40
CA SER B 91 -6.59 5.55 24.29
C SER B 91 -5.34 4.69 24.50
N GLY B 92 -5.52 3.61 25.25
CA GLY B 92 -4.39 2.76 25.60
C GLY B 92 -4.17 1.47 24.84
N GLU B 93 -3.19 0.71 25.32
CA GLU B 93 -2.81 -0.57 24.74
C GLU B 93 -3.57 -1.70 25.43
N PRO B 94 -4.25 -2.56 24.66
CA PRO B 94 -5.01 -3.67 25.27
C PRO B 94 -4.21 -4.56 26.22
N GLU B 95 -3.11 -5.12 25.75
CA GLU B 95 -2.32 -6.02 26.58
C GLU B 95 -1.69 -5.38 27.83
N ALA B 96 -1.05 -4.24 27.65
CA ALA B 96 -0.42 -3.56 28.78
C ALA B 96 -1.49 -3.15 29.80
N SER B 97 -2.69 -2.87 29.33
CA SER B 97 -3.76 -2.48 30.23
C SER B 97 -4.25 -3.68 31.03
N ARG B 98 -4.26 -4.85 30.42
CA ARG B 98 -4.68 -6.02 31.17
C ARG B 98 -3.69 -6.31 32.28
N ARG B 99 -2.40 -6.11 32.00
CA ARG B 99 -1.37 -6.31 33.01
C ARG B 99 -1.53 -5.29 34.13
N LEU B 100 -1.92 -4.07 33.76
CA LEU B 100 -2.13 -3.02 34.75
C LEU B 100 -3.32 -3.38 35.64
N ALA B 101 -4.35 -3.95 35.03
CA ALA B 101 -5.55 -4.34 35.77
C ALA B 101 -5.21 -5.40 36.82
N GLU B 102 -4.34 -6.33 36.45
CA GLU B 102 -3.93 -7.39 37.36
C GLU B 102 -3.17 -6.79 38.54
N ARG B 103 -2.32 -5.82 38.26
CA ARG B 103 -1.53 -5.14 39.29
C ARG B 103 -2.44 -4.38 40.26
N LEU B 104 -3.44 -3.70 39.71
CA LEU B 104 -4.37 -2.93 40.53
C LEU B 104 -5.23 -3.83 41.42
N ARG B 105 -5.53 -5.03 40.94
CA ARG B 105 -6.33 -5.96 41.74
C ARG B 105 -5.63 -6.30 43.04
N GLU B 106 -4.31 -6.21 43.06
CA GLU B 106 -3.53 -6.51 44.25
C GLU B 106 -3.89 -5.55 45.37
N LYS B 107 -4.48 -4.41 44.99
CA LYS B 107 -4.88 -3.40 45.95
C LYS B 107 -6.40 -3.31 46.07
N GLY B 108 -7.11 -4.22 45.41
CA GLY B 108 -8.56 -4.21 45.48
C GLY B 108 -9.16 -3.10 44.65
N VAL B 109 -8.44 -2.66 43.63
CA VAL B 109 -8.90 -1.61 42.74
C VAL B 109 -9.30 -2.27 41.42
N THR B 110 -10.49 -1.94 40.92
CA THR B 110 -10.98 -2.52 39.68
C THR B 110 -10.78 -1.55 38.51
N TYR B 111 -9.96 -1.98 37.55
CA TYR B 111 -9.64 -1.18 36.37
C TYR B 111 -10.58 -1.49 35.20
N LEU B 112 -10.97 -0.45 34.48
CA LEU B 112 -11.81 -0.61 33.30
C LEU B 112 -11.26 0.31 32.23
N ASP B 113 -11.07 -0.20 31.01
CA ASP B 113 -10.62 0.72 29.98
C ASP B 113 -11.88 1.42 29.50
N ALA B 114 -11.81 2.74 29.38
CA ALA B 114 -12.96 3.53 28.96
C ALA B 114 -12.60 4.63 27.98
N PRO B 115 -11.90 4.28 26.88
CA PRO B 115 -11.53 5.31 25.91
C PRO B 115 -12.80 5.95 25.32
N VAL B 116 -12.66 7.13 24.74
CA VAL B 116 -13.81 7.85 24.21
C VAL B 116 -13.64 8.39 22.80
N SER B 117 -14.76 8.83 22.23
CA SER B 117 -14.75 9.42 20.91
C SER B 117 -15.73 10.60 20.92
N GLY B 118 -15.39 11.64 20.17
CA GLY B 118 -16.24 12.81 20.14
C GLY B 118 -15.41 14.07 20.06
N GLY B 119 -14.10 13.93 20.23
CA GLY B 119 -13.22 15.08 20.15
C GLY B 119 -13.41 16.08 21.28
N THR B 120 -12.71 17.20 21.19
CA THR B 120 -12.82 18.22 22.22
C THR B 120 -14.22 18.82 22.27
N SER B 121 -14.89 18.88 21.12
CA SER B 121 -16.24 19.44 21.08
C SER B 121 -17.20 18.51 21.84
N GLY B 122 -17.01 17.20 21.69
CA GLY B 122 -17.85 16.25 22.39
C GLY B 122 -17.56 16.30 23.88
N ALA B 123 -16.29 16.52 24.22
CA ALA B 123 -15.88 16.59 25.62
C ALA B 123 -16.52 17.80 26.28
N GLU B 124 -16.47 18.93 25.58
CA GLU B 124 -17.06 20.16 26.10
C GLU B 124 -18.57 20.04 26.27
N ALA B 125 -19.22 19.41 25.30
CA ALA B 125 -20.67 19.23 25.35
C ALA B 125 -21.08 18.15 26.36
N GLY B 126 -20.17 17.22 26.62
CA GLY B 126 -20.45 16.13 27.55
C GLY B 126 -21.24 15.03 26.85
N THR B 127 -20.98 14.85 25.56
CA THR B 127 -21.69 13.84 24.77
C THR B 127 -20.77 12.75 24.23
N LEU B 128 -19.63 12.56 24.88
CA LEU B 128 -18.68 11.56 24.45
C LEU B 128 -19.23 10.14 24.44
N THR B 129 -18.82 9.39 23.44
CA THR B 129 -19.21 7.99 23.32
C THR B 129 -18.10 7.26 24.06
N VAL B 130 -18.49 6.35 24.96
CA VAL B 130 -17.53 5.59 25.74
C VAL B 130 -17.61 4.10 25.42
N LEU B 132 -16.48 0.77 27.03
CA LEU B 132 -15.98 0.15 28.26
C LEU B 132 -15.51 -1.29 28.12
N GLY B 133 -14.41 -1.59 28.79
CA GLY B 133 -13.88 -2.94 28.80
C GLY B 133 -13.71 -3.31 30.27
N GLY B 134 -14.25 -4.47 30.66
CA GLY B 134 -14.12 -4.89 32.04
C GLY B 134 -15.31 -5.72 32.52
N PRO B 135 -15.37 -6.04 33.82
CA PRO B 135 -16.44 -6.83 34.44
C PRO B 135 -17.80 -6.15 34.32
N GLU B 136 -18.84 -6.92 34.04
CA GLU B 136 -20.18 -6.36 33.89
C GLU B 136 -20.64 -5.68 35.19
N GLU B 137 -20.28 -6.25 36.33
CA GLU B 137 -20.66 -5.69 37.63
C GLU B 137 -20.03 -4.31 37.81
N ALA B 138 -18.76 -4.20 37.42
CA ALA B 138 -18.03 -2.95 37.53
C ALA B 138 -18.61 -1.91 36.57
N VAL B 139 -18.98 -2.37 35.37
CA VAL B 139 -19.56 -1.46 34.39
C VAL B 139 -20.82 -0.81 34.94
N GLU B 140 -21.65 -1.61 35.59
CA GLU B 140 -22.90 -1.11 36.15
C GLU B 140 -22.65 -0.09 37.25
N ARG B 141 -21.58 -0.31 38.02
CA ARG B 141 -21.23 0.59 39.12
C ARG B 141 -20.67 1.92 38.62
N VAL B 142 -19.91 1.89 37.53
CA VAL B 142 -19.32 3.12 37.00
C VAL B 142 -20.19 3.98 36.08
N ARG B 143 -21.19 3.38 35.42
CA ARG B 143 -22.05 4.15 34.51
C ARG B 143 -22.55 5.49 35.04
N PRO B 144 -23.09 5.53 36.27
CA PRO B 144 -23.58 6.80 36.82
C PRO B 144 -22.53 7.90 36.99
N PHE B 145 -21.26 7.52 37.01
CA PHE B 145 -20.19 8.50 37.18
C PHE B 145 -19.69 9.11 35.87
N LEU B 146 -20.17 8.59 34.75
CA LEU B 146 -19.74 9.08 33.45
C LEU B 146 -20.50 10.32 33.00
N ALA B 147 -20.34 11.39 33.77
CA ALA B 147 -21.03 12.65 33.51
C ALA B 147 -20.69 13.34 32.20
N TYR B 148 -19.56 12.97 31.60
CA TYR B 148 -19.12 13.58 30.35
C TYR B 148 -19.52 12.80 29.11
N ALA B 149 -20.31 11.75 29.29
CA ALA B 149 -20.70 10.91 28.15
C ALA B 149 -22.19 10.91 27.84
N LYS B 150 -22.52 10.22 26.75
CA LYS B 150 -23.92 10.04 26.35
C LYS B 150 -24.05 8.55 26.03
N LYS B 151 -23.53 8.14 24.88
CA LYS B 151 -23.59 6.74 24.47
C LYS B 151 -22.46 5.96 25.15
N VAL B 152 -22.83 5.02 26.01
CA VAL B 152 -21.86 4.19 26.73
C VAL B 152 -22.08 2.72 26.39
N VAL B 153 -21.09 2.11 25.75
CA VAL B 153 -21.21 0.71 25.33
C VAL B 153 -20.19 -0.22 25.98
N HIS B 154 -20.68 -1.31 26.56
CA HIS B 154 -19.79 -2.30 27.17
C HIS B 154 -19.42 -3.22 26.01
N VAL B 155 -18.15 -3.21 25.60
CA VAL B 155 -17.72 -4.03 24.47
C VAL B 155 -16.99 -5.33 24.78
N GLY B 156 -16.70 -5.59 26.05
CA GLY B 156 -16.01 -6.81 26.41
C GLY B 156 -15.19 -6.69 27.69
N PRO B 157 -14.28 -7.65 27.93
CA PRO B 157 -13.44 -7.64 29.14
C PRO B 157 -12.35 -6.58 29.01
N VAL B 158 -11.52 -6.43 30.03
CA VAL B 158 -10.45 -5.44 30.01
C VAL B 158 -9.62 -5.55 28.73
N GLY B 159 -9.42 -4.41 28.06
CA GLY B 159 -8.65 -4.38 26.83
C GLY B 159 -9.51 -4.23 25.59
N ALA B 160 -10.75 -4.71 25.65
CA ALA B 160 -11.66 -4.65 24.52
C ALA B 160 -12.02 -3.21 24.16
N GLY B 161 -12.09 -2.36 25.18
CA GLY B 161 -12.40 -0.97 24.94
C GLY B 161 -11.30 -0.31 24.15
N HIS B 162 -10.06 -0.49 24.60
CA HIS B 162 -8.91 0.08 23.90
C HIS B 162 -8.83 -0.46 22.47
N ALA B 163 -9.15 -1.74 22.30
CA ALA B 163 -9.10 -2.36 20.98
C ALA B 163 -10.11 -1.70 20.04
N VAL B 164 -11.34 -1.51 20.51
CA VAL B 164 -12.36 -0.87 19.68
C VAL B 164 -11.98 0.59 19.37
N LYS B 165 -11.41 1.29 20.34
CA LYS B 165 -11.03 2.69 20.11
C LYS B 165 -9.95 2.76 19.02
N ALA B 166 -8.96 1.89 19.11
CA ALA B 166 -7.87 1.89 18.13
C ALA B 166 -8.40 1.64 16.71
N ILE B 167 -9.30 0.67 16.56
CA ILE B 167 -9.87 0.39 15.25
C ILE B 167 -10.71 1.55 14.77
N ASN B 168 -11.49 2.15 15.67
CA ASN B 168 -12.31 3.30 15.30
C ASN B 168 -11.42 4.41 14.73
N ASN B 169 -10.31 4.68 15.41
CA ASN B 169 -9.42 5.72 14.95
C ASN B 169 -8.71 5.37 13.65
N ALA B 170 -8.53 4.07 13.41
CA ALA B 170 -7.89 3.63 12.17
C ALA B 170 -8.87 3.91 11.03
N LEU B 171 -10.17 3.73 11.28
CA LEU B 171 -11.15 3.98 10.23
C LEU B 171 -11.24 5.47 9.96
N LEU B 172 -11.20 6.28 11.03
CA LEU B 172 -11.22 7.72 10.86
C LEU B 172 -10.04 8.13 9.99
N ALA B 173 -8.87 7.62 10.32
CA ALA B 173 -7.65 7.95 9.58
C ALA B 173 -7.77 7.61 8.09
N VAL B 174 -8.22 6.40 7.79
CA VAL B 174 -8.37 5.99 6.40
C VAL B 174 -9.38 6.86 5.67
N ASN B 175 -10.55 7.05 6.28
CA ASN B 175 -11.60 7.87 5.65
C ASN B 175 -11.10 9.27 5.34
N LEU B 176 -10.44 9.89 6.32
CA LEU B 176 -9.92 11.24 6.17
C LEU B 176 -8.85 11.34 5.09
N TRP B 177 -7.90 10.42 5.09
CA TRP B 177 -6.83 10.47 4.09
C TRP B 177 -7.32 10.19 2.68
N ALA B 178 -8.18 9.19 2.53
CA ALA B 178 -8.71 8.85 1.21
C ALA B 178 -9.51 10.04 0.66
N ALA B 179 -10.29 10.69 1.52
CA ALA B 179 -11.08 11.84 1.08
C ALA B 179 -10.11 12.91 0.58
N GLY B 180 -9.02 13.08 1.30
CA GLY B 180 -8.02 14.06 0.90
C GLY B 180 -7.47 13.76 -0.49
N GLU B 181 -7.11 12.51 -0.75
CA GLU B 181 -6.58 12.11 -2.05
C GLU B 181 -7.60 12.40 -3.15
N GLY B 182 -8.84 12.02 -2.92
CA GLY B 182 -9.90 12.23 -3.89
C GLY B 182 -10.22 13.70 -4.15
N LEU B 183 -10.35 14.47 -3.08
CA LEU B 183 -10.67 15.88 -3.22
C LEU B 183 -9.56 16.65 -3.90
N LEU B 184 -8.32 16.27 -3.60
CA LEU B 184 -7.16 16.93 -4.20
C LEU B 184 -7.23 16.76 -5.72
N ALA B 185 -7.55 15.54 -6.16
CA ALA B 185 -7.66 15.25 -7.58
C ALA B 185 -8.77 16.07 -8.22
N LEU B 186 -9.91 16.17 -7.54
CA LEU B 186 -11.02 16.93 -8.08
C LEU B 186 -10.70 18.43 -8.15
N VAL B 187 -10.10 18.96 -7.09
CA VAL B 187 -9.75 20.37 -7.07
C VAL B 187 -8.76 20.70 -8.18
N LYS B 188 -7.79 19.81 -8.39
CA LYS B 188 -6.79 20.09 -9.41
C LYS B 188 -7.41 20.16 -10.81
N GLN B 189 -8.52 19.48 -11.05
CA GLN B 189 -9.15 19.59 -12.37
C GLN B 189 -10.26 20.63 -12.43
N GLY B 190 -10.34 21.50 -11.43
CA GLY B 190 -11.33 22.57 -11.46
C GLY B 190 -12.63 22.43 -10.70
N VAL B 191 -12.85 21.30 -10.03
CA VAL B 191 -14.09 21.14 -9.28
C VAL B 191 -14.01 21.82 -7.92
N SER B 192 -15.05 22.56 -7.58
CA SER B 192 -15.13 23.26 -6.31
C SER B 192 -15.08 22.24 -5.17
N ALA B 193 -14.17 22.44 -4.21
CA ALA B 193 -14.07 21.52 -3.09
C ALA B 193 -15.39 21.59 -2.31
N GLU B 194 -15.95 22.78 -2.25
CA GLU B 194 -17.21 22.98 -1.55
C GLU B 194 -18.32 22.20 -2.24
N LYS B 195 -18.36 22.27 -3.57
CA LYS B 195 -19.37 21.57 -4.37
C LYS B 195 -19.18 20.05 -4.26
N ALA B 196 -17.93 19.60 -4.35
CA ALA B 196 -17.62 18.18 -4.27
C ALA B 196 -18.11 17.60 -2.94
N LEU B 197 -17.92 18.36 -1.87
CA LEU B 197 -18.34 17.90 -0.55
C LEU B 197 -19.85 17.98 -0.37
N GLU B 198 -20.49 18.94 -1.03
CA GLU B 198 -21.94 19.04 -0.95
C GLU B 198 -22.52 17.76 -1.54
N VAL B 199 -21.90 17.28 -2.61
CA VAL B 199 -22.33 16.04 -3.26
C VAL B 199 -21.98 14.85 -2.38
N ILE B 200 -20.70 14.71 -2.05
CA ILE B 200 -20.23 13.59 -1.25
C ILE B 200 -20.97 13.43 0.08
N ASN B 201 -21.24 14.53 0.78
CA ASN B 201 -21.94 14.43 2.06
C ASN B 201 -23.42 14.10 1.92
N ALA B 202 -23.88 13.98 0.68
CA ALA B 202 -25.27 13.61 0.42
C ALA B 202 -25.25 12.32 -0.40
N SER B 203 -24.06 11.69 -0.45
CA SER B 203 -23.88 10.46 -1.22
C SER B 203 -23.25 9.30 -0.44
N SER B 204 -23.06 8.17 -1.11
CA SER B 204 -22.53 6.97 -0.47
C SER B 204 -21.11 7.06 0.09
N GLY B 205 -20.31 8.02 -0.40
CA GLY B 205 -18.96 8.13 0.08
C GLY B 205 -18.78 8.98 1.33
N ARG B 206 -19.89 9.45 1.89
CA ARG B 206 -19.83 10.29 3.08
C ARG B 206 -19.31 9.60 4.34
N SER B 207 -18.64 10.36 5.18
CA SER B 207 -18.11 9.85 6.45
C SER B 207 -18.05 11.03 7.42
N ASN B 208 -17.82 10.74 8.70
CA ASN B 208 -17.71 11.81 9.68
C ASN B 208 -16.60 12.75 9.24
N ALA B 209 -15.56 12.18 8.61
CA ALA B 209 -14.43 12.97 8.14
C ALA B 209 -14.85 14.01 7.09
N THR B 210 -15.66 13.61 6.12
CA THR B 210 -16.08 14.56 5.10
C THR B 210 -17.19 15.49 5.59
N GLU B 211 -17.98 15.01 6.53
CA GLU B 211 -19.10 15.79 7.07
C GLU B 211 -18.72 16.80 8.15
N ASN B 212 -17.85 16.40 9.07
CA ASN B 212 -17.50 17.25 10.20
C ASN B 212 -16.05 17.68 10.43
N LEU B 213 -15.14 17.27 9.57
CA LEU B 213 -13.74 17.66 9.75
C LEU B 213 -13.18 18.48 8.59
N ILE B 214 -13.28 17.95 7.38
CA ILE B 214 -12.74 18.63 6.21
C ILE B 214 -13.40 19.98 5.89
N PRO B 215 -14.74 20.04 5.90
CA PRO B 215 -15.38 21.33 5.60
C PRO B 215 -15.03 22.42 6.60
N GLN B 216 -15.08 22.06 7.88
CA GLN B 216 -14.83 23.00 8.97
C GLN B 216 -13.38 23.38 9.20
N ARG B 217 -12.47 22.44 8.98
CA ARG B 217 -11.06 22.71 9.24
C ARG B 217 -10.17 22.93 8.03
N VAL B 218 -10.44 22.23 6.95
CA VAL B 218 -9.63 22.34 5.75
C VAL B 218 -10.07 23.42 4.76
N LEU B 219 -11.33 23.39 4.35
CA LEU B 219 -11.80 24.38 3.39
C LEU B 219 -11.69 25.81 3.91
N THR B 220 -11.83 25.95 5.23
CA THR B 220 -11.75 27.25 5.90
C THR B 220 -10.32 27.69 6.16
N ARG B 221 -9.38 26.74 6.04
CA ARG B 221 -7.96 26.97 6.29
C ARG B 221 -7.75 27.25 7.77
N ALA B 222 -8.78 26.99 8.58
CA ALA B 222 -8.71 27.22 10.02
C ALA B 222 -7.75 26.27 10.72
N PHE B 223 -7.79 24.99 10.35
CA PHE B 223 -6.92 23.97 10.95
C PHE B 223 -6.75 24.15 12.46
N PRO B 224 -7.85 24.11 13.22
CA PRO B 224 -7.75 24.27 14.67
C PRO B 224 -7.06 23.06 15.31
N LYS B 225 -6.32 23.30 16.38
CA LYS B 225 -5.63 22.22 17.07
C LYS B 225 -6.52 21.60 18.14
N THR B 226 -6.94 20.36 17.94
CA THR B 226 -7.80 19.69 18.92
C THR B 226 -7.36 18.27 19.24
N PHE B 227 -6.63 17.64 18.32
CA PHE B 227 -6.16 16.27 18.51
C PHE B 227 -4.83 16.11 17.76
N ALA B 228 -3.75 15.98 18.53
CA ALA B 228 -2.41 15.88 17.96
C ALA B 228 -2.23 14.76 16.96
N LEU B 229 -1.58 15.09 15.84
CA LEU B 229 -1.29 14.12 14.79
C LEU B 229 -0.46 12.97 15.38
N GLY B 230 0.45 13.32 16.29
CA GLY B 230 1.28 12.32 16.93
C GLY B 230 0.47 11.31 17.72
N LEU B 231 -0.64 11.75 18.28
CA LEU B 231 -1.49 10.84 19.04
C LEU B 231 -2.28 9.94 18.10
N LEU B 232 -2.67 10.47 16.94
CA LEU B 232 -3.39 9.64 15.99
C LEU B 232 -2.45 8.54 15.48
N VAL B 233 -1.19 8.90 15.22
CA VAL B 233 -0.24 7.90 14.75
C VAL B 233 -0.07 6.85 15.84
N LYS B 234 -0.04 7.30 17.10
CA LYS B 234 0.09 6.39 18.23
C LYS B 234 -1.10 5.42 18.22
N ASP B 235 -2.30 5.93 17.98
CA ASP B 235 -3.49 5.09 17.92
C ASP B 235 -3.39 4.10 16.78
N LEU B 236 -2.90 4.56 15.63
CA LEU B 236 -2.76 3.68 14.48
C LEU B 236 -1.79 2.55 14.86
N GLY B 237 -0.81 2.87 15.68
CA GLY B 237 0.14 1.85 16.13
C GLY B 237 -0.55 0.80 16.97
N ILE B 238 -1.48 1.23 17.81
CA ILE B 238 -2.24 0.31 18.64
C ILE B 238 -3.14 -0.53 17.74
N ALA B 239 -3.67 0.10 16.70
CA ALA B 239 -4.54 -0.61 15.76
C ALA B 239 -3.73 -1.71 15.07
N GLY B 241 -1.44 -3.33 16.36
CA GLY B 241 -1.33 -4.37 17.36
C GLY B 241 -2.57 -5.25 17.38
N VAL B 242 -3.72 -4.62 17.16
CA VAL B 242 -4.99 -5.37 17.13
C VAL B 242 -4.99 -6.26 15.89
N LEU B 243 -4.48 -5.73 14.77
CA LEU B 243 -4.42 -6.50 13.53
C LEU B 243 -3.45 -7.67 13.64
N ASP B 244 -2.45 -7.54 14.50
CA ASP B 244 -1.45 -8.58 14.70
C ASP B 244 -1.98 -9.81 15.43
N GLY B 245 -3.16 -9.67 16.04
CA GLY B 245 -3.76 -10.78 16.76
C GLY B 245 -3.97 -12.01 15.88
N GLU B 246 -4.58 -11.79 14.72
CA GLU B 246 -4.86 -12.87 13.77
C GLU B 246 -4.02 -12.72 12.52
N LYS B 247 -3.61 -11.49 12.23
CA LYS B 247 -2.81 -11.17 11.05
C LYS B 247 -3.50 -11.55 9.74
N ALA B 248 -4.82 -11.41 9.72
CA ALA B 248 -5.56 -11.68 8.49
C ALA B 248 -5.15 -10.52 7.57
N PRO B 249 -5.17 -10.75 6.24
CA PRO B 249 -4.78 -9.71 5.28
C PRO B 249 -5.50 -8.38 5.51
N SER B 250 -4.73 -7.34 5.80
CA SER B 250 -5.29 -6.01 6.07
C SER B 250 -4.43 -4.93 5.41
N PRO B 251 -4.28 -4.99 4.07
CA PRO B 251 -3.49 -4.02 3.32
C PRO B 251 -3.85 -2.55 3.49
N LEU B 252 -5.13 -2.23 3.53
CA LEU B 252 -5.52 -0.83 3.65
C LEU B 252 -5.17 -0.21 5.00
N LEU B 253 -5.50 -0.89 6.09
CA LEU B 253 -5.20 -0.33 7.41
C LEU B 253 -3.69 -0.31 7.66
N ARG B 254 -2.97 -1.28 7.11
CA ARG B 254 -1.52 -1.31 7.28
C ARG B 254 -0.90 -0.08 6.60
N LEU B 255 -1.34 0.19 5.37
CA LEU B 255 -0.82 1.33 4.62
C LEU B 255 -1.17 2.64 5.31
N ALA B 256 -2.34 2.69 5.94
CA ALA B 256 -2.78 3.90 6.63
C ALA B 256 -1.78 4.32 7.69
N ARG B 257 -1.25 3.36 8.46
CA ARG B 257 -0.29 3.71 9.50
C ARG B 257 0.95 4.34 8.89
N GLU B 258 1.39 3.83 7.74
CA GLU B 258 2.58 4.35 7.10
C GLU B 258 2.40 5.77 6.53
N VAL B 259 1.25 6.04 5.92
CA VAL B 259 1.03 7.37 5.36
C VAL B 259 0.91 8.44 6.44
N TYR B 260 0.26 8.12 7.56
CA TYR B 260 0.13 9.10 8.62
C TYR B 260 1.49 9.32 9.29
N GLU B 261 2.34 8.30 9.27
CA GLU B 261 3.68 8.45 9.83
C GLU B 261 4.43 9.46 8.96
N ALA B 263 3.16 11.92 7.37
CA ALA B 263 2.62 13.23 7.72
C ALA B 263 3.23 13.71 9.02
N LYS B 264 3.36 12.81 9.99
CA LYS B 264 3.94 13.14 11.29
C LYS B 264 5.39 13.60 11.13
N ARG B 265 6.15 12.89 10.29
CA ARG B 265 7.55 13.22 10.05
C ARG B 265 7.71 14.54 9.29
N GLU B 266 6.74 14.85 8.44
CA GLU B 266 6.78 16.07 7.64
C GLU B 266 6.18 17.29 8.34
N LEU B 267 5.18 17.08 9.19
CA LEU B 267 4.51 18.18 9.86
C LEU B 267 4.72 18.29 11.36
N GLY B 268 5.19 17.22 11.99
CA GLY B 268 5.42 17.26 13.43
C GLY B 268 4.29 16.60 14.21
N PRO B 269 4.60 16.01 15.37
CA PRO B 269 3.59 15.34 16.19
C PRO B 269 2.55 16.26 16.83
N ASP B 270 2.88 17.55 16.97
CA ASP B 270 1.94 18.50 17.58
C ASP B 270 1.02 19.22 16.59
N ALA B 271 1.13 18.88 15.31
CA ALA B 271 0.26 19.46 14.31
C ALA B 271 -1.09 18.79 14.58
N ASP B 272 -2.19 19.38 14.16
CA ASP B 272 -3.48 18.73 14.39
C ASP B 272 -3.57 17.54 13.45
N HIS B 273 -4.31 16.50 13.85
CA HIS B 273 -4.43 15.32 13.00
C HIS B 273 -4.95 15.61 11.60
N VAL B 274 -5.88 16.56 11.48
CA VAL B 274 -6.43 16.89 10.17
C VAL B 274 -5.41 17.59 9.27
N GLU B 275 -4.37 18.17 9.88
CA GLU B 275 -3.34 18.84 9.11
C GLU B 275 -2.55 17.84 8.27
N ALA B 276 -2.81 16.55 8.47
CA ALA B 276 -2.13 15.51 7.69
C ALA B 276 -2.45 15.79 6.22
N LEU B 277 -3.62 16.35 5.95
CA LEU B 277 -4.01 16.64 4.58
C LEU B 277 -3.13 17.72 3.94
N ARG B 278 -2.44 18.51 4.77
CA ARG B 278 -1.56 19.55 4.24
C ARG B 278 -0.43 18.91 3.42
N LEU B 279 -0.04 17.69 3.79
CA LEU B 279 1.02 17.00 3.06
C LEU B 279 0.55 16.75 1.65
N LEU B 280 -0.71 16.32 1.50
CA LEU B 280 -1.27 16.07 0.18
C LEU B 280 -1.34 17.38 -0.59
N GLU B 281 -1.69 18.47 0.10
CA GLU B 281 -1.77 19.78 -0.55
C GLU B 281 -0.36 20.16 -1.01
N ARG B 282 0.62 19.87 -0.17
CA ARG B 282 2.00 20.19 -0.50
C ARG B 282 2.40 19.52 -1.81
N TRP B 283 2.28 18.20 -1.87
CA TRP B 283 2.61 17.47 -3.09
C TRP B 283 1.74 17.91 -4.26
N GLY B 284 0.45 18.10 -4.00
CA GLY B 284 -0.48 18.49 -5.04
C GLY B 284 -0.29 19.87 -5.63
N GLY B 285 0.34 20.77 -4.87
CA GLY B 285 0.55 22.12 -5.37
C GLY B 285 -0.74 22.91 -5.43
N VAL B 286 -1.70 22.51 -4.61
CA VAL B 286 -2.98 23.20 -4.55
C VAL B 286 -3.63 22.92 -3.21
N GLU B 287 -4.45 23.86 -2.75
CA GLU B 287 -5.14 23.70 -1.47
C GLU B 287 -6.54 23.15 -1.68
N ILE B 288 -6.98 22.29 -0.77
CA ILE B 288 -8.32 21.73 -0.85
C ILE B 288 -9.19 22.87 -0.32
N ARG B 289 -9.63 23.72 -1.23
CA ARG B 289 -10.27 24.99 -0.90
C ARG B 289 -11.30 25.39 -1.95
N GLU C 2 26.24 4.06 -47.34
CA GLU C 2 25.31 3.86 -46.25
C GLU C 2 25.82 4.45 -44.92
N LYS C 3 24.94 5.30 -44.36
CA LYS C 3 25.31 5.90 -43.10
C LYS C 3 24.22 5.76 -41.99
N VAL C 4 24.56 6.05 -40.75
CA VAL C 4 23.60 5.95 -39.66
C VAL C 4 23.56 7.34 -39.04
N ALA C 5 22.53 7.62 -38.26
CA ALA C 5 22.42 8.93 -37.63
C ALA C 5 21.83 8.77 -36.25
N PHE C 6 22.19 9.66 -35.34
CA PHE C 6 21.67 9.60 -33.98
C PHE C 6 21.10 10.95 -33.56
N ILE C 7 19.92 10.91 -32.96
CA ILE C 7 19.24 12.12 -32.50
C ILE C 7 19.07 12.06 -30.99
N GLY C 8 19.55 13.10 -30.29
CA GLY C 8 19.42 13.13 -28.84
C GLY C 8 20.67 12.64 -28.15
N LEU C 9 21.66 13.53 -28.02
CA LEU C 9 22.92 13.19 -27.38
C LEU C 9 22.89 13.49 -25.88
N GLY C 10 22.04 12.78 -25.16
CA GLY C 10 21.93 12.99 -23.73
C GLY C 10 22.83 12.08 -22.92
N ALA C 11 22.46 11.86 -21.66
CA ALA C 11 23.25 11.00 -20.77
C ALA C 11 23.48 9.66 -21.45
N GLY C 13 22.27 8.93 -24.96
CA GLY C 13 22.57 9.14 -26.37
C GLY C 13 23.99 9.50 -26.74
N TYR C 14 24.62 10.36 -25.96
CA TYR C 14 25.98 10.78 -26.24
C TYR C 14 26.92 9.56 -26.36
N PRO C 15 27.06 8.76 -25.29
CA PRO C 15 27.96 7.61 -25.40
C PRO C 15 27.48 6.57 -26.42
N ALA C 17 25.85 7.03 -29.23
CA ALA C 17 26.20 7.49 -30.57
C ALA C 17 27.71 7.40 -30.75
N GLY C 18 28.44 7.42 -29.64
CA GLY C 18 29.89 7.32 -29.73
C GLY C 18 30.29 5.96 -30.26
N HIS C 19 29.63 4.91 -29.79
CA HIS C 19 29.94 3.57 -30.26
C HIS C 19 29.63 3.45 -31.75
N LEU C 20 28.53 4.05 -32.18
CA LEU C 20 28.17 4.01 -33.58
C LEU C 20 29.17 4.78 -34.43
N ALA C 21 29.60 5.93 -33.94
CA ALA C 21 30.55 6.78 -34.67
C ALA C 21 31.90 6.14 -34.94
N ARG C 22 32.36 5.27 -34.06
CA ARG C 22 33.65 4.63 -34.26
C ARG C 22 33.50 3.40 -35.14
N ARG C 23 32.26 2.99 -35.37
CA ARG C 23 31.96 1.81 -36.17
C ARG C 23 31.51 2.10 -37.60
N PHE C 24 30.61 3.06 -37.75
CA PHE C 24 30.06 3.42 -39.07
C PHE C 24 30.08 4.93 -39.27
N PRO C 25 29.97 5.39 -40.53
CA PRO C 25 29.95 6.84 -40.79
C PRO C 25 28.68 7.28 -40.08
N THR C 26 28.80 8.18 -39.10
CA THR C 26 27.64 8.59 -38.33
C THR C 26 27.36 10.09 -38.27
N LEU C 27 26.10 10.43 -38.53
CA LEU C 27 25.66 11.82 -38.47
C LEU C 27 24.95 12.00 -37.13
N VAL C 28 25.21 13.11 -36.45
CA VAL C 28 24.56 13.35 -35.17
C VAL C 28 23.94 14.73 -35.09
N TRP C 29 22.86 14.83 -34.34
CA TRP C 29 22.17 16.10 -34.14
C TRP C 29 21.65 16.14 -32.72
N ASN C 30 21.67 17.34 -32.12
CA ASN C 30 21.18 17.54 -30.77
C ASN C 30 20.58 18.94 -30.70
N ARG C 31 19.49 19.08 -29.96
CA ARG C 31 18.82 20.37 -29.80
C ARG C 31 19.84 21.42 -29.39
N THR C 32 20.61 21.11 -28.35
CA THR C 32 21.67 21.99 -27.89
C THR C 32 22.85 21.54 -28.74
N PHE C 33 23.00 22.16 -29.92
CA PHE C 33 24.03 21.79 -30.88
C PHE C 33 25.48 21.72 -30.39
N GLU C 34 25.84 22.53 -29.39
CA GLU C 34 27.21 22.47 -28.88
C GLU C 34 27.58 21.04 -28.54
N LYS C 35 26.57 20.28 -28.11
CA LYS C 35 26.75 18.87 -27.74
C LYS C 35 27.10 18.04 -28.97
N ALA C 36 26.50 18.37 -30.10
CA ALA C 36 26.77 17.66 -31.35
C ALA C 36 28.20 17.95 -31.80
N LEU C 37 28.60 19.22 -31.73
CA LEU C 37 29.93 19.62 -32.12
C LEU C 37 30.99 18.91 -31.28
N ARG C 38 30.75 18.85 -29.97
CA ARG C 38 31.67 18.19 -29.06
C ARG C 38 31.78 16.71 -29.39
N HIS C 39 30.65 16.10 -29.74
CA HIS C 39 30.60 14.68 -30.07
C HIS C 39 31.45 14.39 -31.30
N GLN C 40 31.37 15.28 -32.29
CA GLN C 40 32.13 15.13 -33.52
C GLN C 40 33.62 15.14 -33.19
N GLU C 41 34.02 16.06 -32.31
CA GLU C 41 35.42 16.17 -31.90
C GLU C 41 35.88 14.99 -31.08
N GLU C 42 34.96 14.42 -30.30
CA GLU C 42 35.31 13.30 -29.43
C GLU C 42 35.26 11.91 -30.07
N PHE C 43 34.34 11.70 -31.01
CA PHE C 43 34.18 10.39 -31.63
C PHE C 43 34.35 10.25 -33.14
N GLY C 44 34.42 11.36 -33.86
CA GLY C 44 34.55 11.26 -35.30
C GLY C 44 33.23 11.23 -36.03
N SER C 45 32.16 11.59 -35.34
CA SER C 45 30.84 11.63 -35.95
C SER C 45 30.79 12.95 -36.70
N GLU C 46 29.67 13.22 -37.36
CA GLU C 46 29.52 14.49 -38.08
C GLU C 46 28.26 15.20 -37.61
N ALA C 47 28.44 16.33 -36.93
CA ALA C 47 27.31 17.11 -36.45
C ALA C 47 26.67 17.78 -37.65
N VAL C 48 25.36 17.59 -37.82
CA VAL C 48 24.66 18.17 -38.96
C VAL C 48 23.29 18.71 -38.57
N PRO C 49 22.70 19.58 -39.42
CA PRO C 49 21.37 20.11 -39.09
C PRO C 49 20.40 18.93 -39.17
N LEU C 50 19.35 18.96 -38.36
CA LEU C 50 18.37 17.88 -38.31
C LEU C 50 17.95 17.29 -39.64
N GLU C 51 17.79 18.12 -40.66
CA GLU C 51 17.36 17.64 -41.97
C GLU C 51 18.23 16.55 -42.57
N ARG C 52 19.55 16.68 -42.41
CA ARG C 52 20.48 15.69 -42.96
C ARG C 52 20.35 14.29 -42.37
N VAL C 53 19.69 14.18 -41.23
CA VAL C 53 19.51 12.88 -40.58
C VAL C 53 18.79 11.89 -41.51
N ALA C 54 17.92 12.42 -42.37
CA ALA C 54 17.16 11.59 -43.29
C ALA C 54 18.05 10.92 -44.33
N GLU C 55 19.33 11.31 -44.37
CA GLU C 55 20.28 10.73 -45.30
C GLU C 55 20.68 9.32 -44.87
N ALA C 56 20.44 9.02 -43.60
CA ALA C 56 20.82 7.71 -43.04
C ALA C 56 19.91 6.55 -43.41
N ARG C 57 20.49 5.35 -43.41
CA ARG C 57 19.75 4.12 -43.69
C ARG C 57 19.07 3.73 -42.38
N VAL C 58 19.72 4.08 -41.28
CA VAL C 58 19.18 3.79 -39.95
C VAL C 58 19.28 5.03 -39.07
N ILE C 59 18.14 5.46 -38.56
CA ILE C 59 18.07 6.63 -37.70
C ILE C 59 17.81 6.17 -36.27
N PHE C 60 18.60 6.67 -35.32
CA PHE C 60 18.44 6.32 -33.91
C PHE C 60 17.97 7.53 -33.12
N THR C 61 17.15 7.29 -32.11
CA THR C 61 16.69 8.36 -31.24
C THR C 61 16.71 7.89 -29.79
N CYS C 62 17.09 8.79 -28.90
CA CYS C 62 17.09 8.48 -27.47
C CYS C 62 16.72 9.78 -26.80
N LEU C 63 15.41 10.04 -26.79
CA LEU C 63 14.85 11.25 -26.23
C LEU C 63 14.11 10.97 -24.93
N PRO C 64 13.66 12.02 -24.21
CA PRO C 64 12.95 11.83 -22.95
C PRO C 64 11.71 10.94 -23.06
N THR C 65 10.77 11.33 -23.92
CA THR C 65 9.54 10.56 -24.09
C THR C 65 9.11 10.48 -25.55
N THR C 66 8.11 9.63 -25.80
CA THR C 66 7.59 9.46 -27.16
C THR C 66 7.14 10.80 -27.71
N ARG C 67 6.83 11.74 -26.82
CA ARG C 67 6.38 13.07 -27.23
C ARG C 67 7.45 13.75 -28.09
N GLU C 68 8.70 13.73 -27.58
CA GLU C 68 9.81 14.34 -28.31
C GLU C 68 10.13 13.54 -29.57
N VAL C 69 9.92 12.23 -29.52
CA VAL C 69 10.17 11.38 -30.68
C VAL C 69 9.19 11.80 -31.76
N TYR C 70 7.97 12.11 -31.35
CA TYR C 70 6.92 12.52 -32.27
C TYR C 70 7.25 13.82 -32.99
N GLU C 71 7.64 14.84 -32.23
CA GLU C 71 7.95 16.12 -32.85
C GLU C 71 9.19 16.08 -33.73
N VAL C 72 10.13 15.20 -33.41
CA VAL C 72 11.34 15.07 -34.22
C VAL C 72 10.97 14.32 -35.50
N ALA C 73 10.01 13.40 -35.39
CA ALA C 73 9.56 12.62 -36.53
C ALA C 73 8.80 13.52 -37.52
N GLU C 74 8.00 14.44 -36.98
CA GLU C 74 7.24 15.36 -37.83
C GLU C 74 8.17 16.29 -38.59
N ALA C 75 9.21 16.77 -37.90
CA ALA C 75 10.18 17.66 -38.51
C ALA C 75 10.92 17.00 -39.67
N LEU C 76 11.23 15.72 -39.52
CA LEU C 76 11.94 14.97 -40.56
C LEU C 76 11.03 14.35 -41.60
N TYR C 77 9.75 14.16 -41.22
CA TYR C 77 8.77 13.54 -42.10
C TYR C 77 8.89 13.84 -43.60
N PRO C 78 8.93 15.12 -43.99
CA PRO C 78 9.04 15.48 -45.41
C PRO C 78 10.34 15.05 -46.11
N TYR C 79 11.36 14.71 -45.32
CA TYR C 79 12.65 14.32 -45.89
C TYR C 79 12.91 12.82 -45.85
N LEU C 80 12.17 12.09 -45.02
CA LEU C 80 12.35 10.64 -44.89
C LEU C 80 12.25 9.91 -46.22
N ARG C 81 13.17 8.97 -46.43
CA ARG C 81 13.22 8.18 -47.65
C ARG C 81 12.79 6.74 -47.40
N GLU C 82 12.18 6.13 -48.41
CA GLU C 82 11.71 4.75 -48.30
C GLU C 82 12.86 3.77 -48.11
N GLY C 83 12.65 2.79 -47.26
CA GLY C 83 13.67 1.79 -47.00
C GLY C 83 14.52 2.10 -45.77
N THR C 84 14.23 3.21 -45.11
CA THR C 84 14.97 3.62 -43.92
C THR C 84 14.39 2.97 -42.67
N TYR C 85 15.22 2.82 -41.65
CA TYR C 85 14.80 2.23 -40.39
C TYR C 85 14.94 3.25 -39.27
N TRP C 86 13.98 3.22 -38.35
CA TRP C 86 13.98 4.13 -37.22
C TRP C 86 14.07 3.29 -35.95
N VAL C 87 15.24 3.33 -35.31
CA VAL C 87 15.48 2.57 -34.09
C VAL C 87 15.32 3.54 -32.93
N ASP C 88 14.23 3.39 -32.18
CA ASP C 88 13.93 4.27 -31.07
C ASP C 88 14.35 3.70 -29.70
N ALA C 89 15.43 4.24 -29.16
CA ALA C 89 15.96 3.80 -27.86
C ALA C 89 15.32 4.55 -26.70
N THR C 90 14.35 5.41 -26.99
CA THR C 90 13.65 6.15 -25.96
C THR C 90 12.83 5.13 -25.16
N SER C 91 12.65 5.37 -23.87
CA SER C 91 11.80 4.48 -23.08
C SER C 91 10.45 5.12 -23.34
N GLY C 92 9.79 4.64 -24.39
CA GLY C 92 8.51 5.21 -24.79
C GLY C 92 7.23 4.47 -24.44
N GLU C 93 6.12 5.03 -24.93
CA GLU C 93 4.79 4.48 -24.71
C GLU C 93 4.40 3.52 -25.83
N PRO C 94 3.97 2.30 -25.47
CA PRO C 94 3.57 1.29 -26.46
C PRO C 94 2.57 1.77 -27.51
N GLU C 95 1.42 2.26 -27.06
CA GLU C 95 0.38 2.71 -27.98
C GLU C 95 0.79 3.90 -28.85
N ALA C 96 1.33 4.95 -28.24
CA ALA C 96 1.74 6.12 -29.00
C ALA C 96 2.82 5.74 -30.01
N SER C 97 3.63 4.75 -29.66
CA SER C 97 4.69 4.31 -30.55
C SER C 97 4.12 3.56 -31.74
N ARG C 98 3.03 2.81 -31.52
CA ARG C 98 2.40 2.07 -32.61
C ARG C 98 1.84 3.04 -33.64
N ARG C 99 1.21 4.11 -33.18
CA ARG C 99 0.65 5.10 -34.10
C ARG C 99 1.79 5.76 -34.86
N LEU C 100 2.90 6.01 -34.17
CA LEU C 100 4.05 6.63 -34.80
C LEU C 100 4.57 5.70 -35.89
N ALA C 101 4.60 4.40 -35.60
CA ALA C 101 5.06 3.40 -36.56
C ALA C 101 4.20 3.46 -37.83
N GLU C 102 2.88 3.52 -37.64
CA GLU C 102 1.96 3.59 -38.77
C GLU C 102 2.23 4.84 -39.59
N ARG C 103 2.37 5.96 -38.90
CA ARG C 103 2.66 7.24 -39.53
C ARG C 103 3.93 7.17 -40.36
N LEU C 104 5.00 6.64 -39.76
CA LEU C 104 6.28 6.53 -40.46
C LEU C 104 6.20 5.58 -41.66
N ARG C 105 5.33 4.59 -41.55
CA ARG C 105 5.15 3.62 -42.62
C ARG C 105 4.65 4.31 -43.88
N GLU C 106 4.05 5.48 -43.71
CA GLU C 106 3.53 6.26 -44.84
C GLU C 106 4.67 6.73 -45.74
N LYS C 107 5.88 6.76 -45.20
CA LYS C 107 7.07 7.18 -45.94
C LYS C 107 8.00 6.03 -46.26
N GLY C 108 7.55 4.80 -45.98
CA GLY C 108 8.37 3.63 -46.25
C GLY C 108 9.43 3.43 -45.17
N VAL C 109 9.23 4.05 -44.01
CA VAL C 109 10.16 3.94 -42.90
C VAL C 109 9.66 2.92 -41.89
N THR C 110 10.54 2.03 -41.46
CA THR C 110 10.19 0.99 -40.49
C THR C 110 10.65 1.33 -39.08
N TYR C 111 9.68 1.55 -38.20
CA TYR C 111 9.95 1.89 -36.80
C TYR C 111 10.10 0.64 -35.95
N LEU C 112 11.01 0.70 -35.00
CA LEU C 112 11.25 -0.40 -34.07
C LEU C 112 11.51 0.20 -32.71
N ASP C 113 10.80 -0.26 -31.68
CA ASP C 113 11.10 0.28 -30.37
C ASP C 113 12.28 -0.52 -29.85
N ALA C 114 13.32 0.18 -29.42
CA ALA C 114 14.51 -0.47 -28.93
C ALA C 114 15.05 0.15 -27.65
N PRO C 115 14.20 0.23 -26.61
CA PRO C 115 14.66 0.81 -25.34
C PRO C 115 15.81 -0.02 -24.78
N VAL C 116 16.60 0.56 -23.88
CA VAL C 116 17.75 -0.15 -23.35
C VAL C 116 17.87 -0.13 -21.83
N SER C 117 18.78 -0.96 -21.32
CA SER C 117 19.05 -1.02 -19.90
C SER C 117 20.54 -1.23 -19.71
N GLY C 118 21.09 -0.62 -18.66
CA GLY C 118 22.51 -0.74 -18.40
C GLY C 118 23.06 0.55 -17.81
N GLY C 119 22.28 1.62 -17.88
CA GLY C 119 22.70 2.89 -17.34
C GLY C 119 23.78 3.56 -18.18
N THR C 120 24.27 4.71 -17.70
CA THR C 120 25.29 5.43 -18.44
C THR C 120 26.59 4.62 -18.50
N SER C 121 26.84 3.81 -17.47
CA SER C 121 28.05 3.00 -17.44
C SER C 121 27.98 1.93 -18.54
N GLY C 122 26.80 1.38 -18.75
CA GLY C 122 26.62 0.37 -19.78
C GLY C 122 26.75 1.00 -21.15
N ALA C 123 26.23 2.22 -21.28
CA ALA C 123 26.30 2.94 -22.54
C ALA C 123 27.75 3.23 -22.90
N GLU C 124 28.54 3.64 -21.91
CA GLU C 124 29.95 3.95 -22.14
C GLU C 124 30.73 2.69 -22.51
N ALA C 125 30.38 1.57 -21.88
CA ALA C 125 31.06 0.31 -22.15
C ALA C 125 30.55 -0.35 -23.43
N GLY C 126 29.37 0.06 -23.88
CA GLY C 126 28.81 -0.54 -25.09
C GLY C 126 28.28 -1.93 -24.81
N THR C 127 27.76 -2.13 -23.61
CA THR C 127 27.23 -3.43 -23.20
C THR C 127 25.75 -3.38 -22.85
N LEU C 128 25.04 -2.39 -23.41
CA LEU C 128 23.63 -2.24 -23.13
C LEU C 128 22.79 -3.44 -23.57
N THR C 129 21.70 -3.67 -22.84
CA THR C 129 20.77 -4.74 -23.18
C THR C 129 19.65 -4.04 -23.95
N VAL C 130 19.26 -4.62 -25.08
CA VAL C 130 18.23 -4.02 -25.91
C VAL C 130 17.03 -4.95 -26.07
N LEU C 132 13.93 -5.34 -28.40
CA LEU C 132 13.32 -4.91 -29.66
C LEU C 132 11.87 -5.29 -29.85
N GLY C 133 11.13 -4.36 -30.45
CA GLY C 133 9.73 -4.58 -30.75
C GLY C 133 9.53 -4.22 -32.21
N GLY C 134 9.01 -5.15 -32.99
CA GLY C 134 8.80 -4.89 -34.41
C GLY C 134 8.88 -6.14 -35.26
N PRO C 135 8.85 -6.00 -36.60
CA PRO C 135 8.92 -7.12 -37.54
C PRO C 135 10.24 -7.89 -37.47
N GLU C 136 10.16 -9.21 -37.60
CA GLU C 136 11.33 -10.07 -37.55
C GLU C 136 12.37 -9.68 -38.61
N GLU C 137 11.88 -9.35 -39.79
CA GLU C 137 12.75 -8.96 -40.90
C GLU C 137 13.55 -7.71 -40.57
N ALA C 138 12.88 -6.70 -40.03
CA ALA C 138 13.53 -5.45 -39.66
C ALA C 138 14.55 -5.70 -38.55
N VAL C 139 14.16 -6.50 -37.57
CA VAL C 139 15.05 -6.81 -36.45
C VAL C 139 16.37 -7.39 -36.94
N GLU C 140 16.29 -8.36 -37.84
CA GLU C 140 17.49 -8.99 -38.38
C GLU C 140 18.36 -7.99 -39.13
N ARG C 141 17.71 -7.01 -39.76
CA ARG C 141 18.42 -5.99 -40.53
C ARG C 141 19.14 -4.98 -39.64
N VAL C 142 18.57 -4.67 -38.48
CA VAL C 142 19.19 -3.69 -37.59
C VAL C 142 20.19 -4.25 -36.59
N ARG C 143 20.09 -5.54 -36.28
CA ARG C 143 21.01 -6.16 -35.31
C ARG C 143 22.48 -5.78 -35.46
N PRO C 144 23.03 -5.89 -36.69
CA PRO C 144 24.43 -5.54 -36.91
C PRO C 144 24.84 -4.10 -36.65
N PHE C 145 23.86 -3.22 -36.46
CA PHE C 145 24.15 -1.80 -36.22
C PHE C 145 24.12 -1.38 -34.74
N LEU C 146 23.66 -2.28 -33.87
CA LEU C 146 23.58 -1.97 -32.45
C LEU C 146 24.95 -2.08 -31.78
N ALA C 147 25.86 -1.21 -32.19
CA ALA C 147 27.23 -1.19 -31.69
C ALA C 147 27.38 -0.89 -30.20
N TYR C 148 26.34 -0.35 -29.58
CA TYR C 148 26.38 -0.01 -28.17
C TYR C 148 25.78 -1.10 -27.27
N ALA C 149 25.36 -2.20 -27.88
CA ALA C 149 24.73 -3.28 -27.14
C ALA C 149 25.46 -4.63 -27.10
N LYS C 150 25.06 -5.44 -26.13
CA LYS C 150 25.60 -6.78 -25.96
C LYS C 150 24.41 -7.73 -26.13
N LYS C 151 23.57 -7.81 -25.10
CA LYS C 151 22.39 -8.66 -25.13
C LYS C 151 21.26 -7.98 -25.90
N VAL C 152 20.81 -8.61 -26.97
CA VAL C 152 19.74 -8.07 -27.79
C VAL C 152 18.61 -9.10 -27.93
N VAL C 153 17.42 -8.76 -27.44
CA VAL C 153 16.28 -9.67 -27.50
C VAL C 153 15.05 -9.11 -28.21
N HIS C 154 14.49 -9.90 -29.12
CA HIS C 154 13.29 -9.51 -29.85
C HIS C 154 12.14 -10.00 -28.98
N VAL C 155 11.40 -9.06 -28.38
CA VAL C 155 10.31 -9.44 -27.49
C VAL C 155 8.91 -9.42 -28.09
N GLY C 156 8.77 -8.98 -29.33
CA GLY C 156 7.45 -8.95 -29.94
C GLY C 156 7.26 -7.86 -30.96
N PRO C 157 6.01 -7.55 -31.33
CA PRO C 157 5.71 -6.50 -32.32
C PRO C 157 5.97 -5.11 -31.74
N VAL C 158 5.78 -4.07 -32.55
CA VAL C 158 5.99 -2.70 -32.11
C VAL C 158 5.26 -2.44 -30.79
N GLY C 159 5.96 -1.87 -29.83
CA GLY C 159 5.37 -1.57 -28.54
C GLY C 159 5.76 -2.54 -27.44
N ALA C 160 6.04 -3.79 -27.82
CA ALA C 160 6.43 -4.81 -26.86
C ALA C 160 7.74 -4.48 -26.18
N GLY C 161 8.64 -3.83 -26.90
CA GLY C 161 9.93 -3.47 -26.32
C GLY C 161 9.74 -2.44 -25.23
N HIS C 162 8.96 -1.41 -25.52
CA HIS C 162 8.69 -0.35 -24.55
C HIS C 162 7.97 -0.93 -23.32
N ALA C 163 7.10 -1.90 -23.55
CA ALA C 163 6.37 -2.53 -22.47
C ALA C 163 7.29 -3.28 -21.52
N VAL C 164 8.20 -4.08 -22.08
CA VAL C 164 9.13 -4.83 -21.26
C VAL C 164 10.06 -3.88 -20.50
N LYS C 165 10.44 -2.79 -21.16
CA LYS C 165 11.32 -1.81 -20.53
C LYS C 165 10.63 -1.19 -19.33
N ALA C 166 9.36 -0.82 -19.50
CA ALA C 166 8.60 -0.20 -18.42
C ALA C 166 8.49 -1.13 -17.23
N ILE C 167 8.20 -2.40 -17.48
CA ILE C 167 8.07 -3.35 -16.39
C ILE C 167 9.43 -3.56 -15.73
N ASN C 168 10.50 -3.62 -16.53
CA ASN C 168 11.83 -3.80 -15.96
C ASN C 168 12.14 -2.66 -14.99
N ASN C 169 11.85 -1.42 -15.39
CA ASN C 169 12.12 -0.29 -14.52
C ASN C 169 11.19 -0.26 -13.32
N ALA C 170 10.01 -0.84 -13.45
CA ALA C 170 9.09 -0.88 -12.32
C ALA C 170 9.71 -1.85 -11.29
N LEU C 171 10.30 -2.93 -11.77
CA LEU C 171 10.92 -3.89 -10.86
C LEU C 171 12.13 -3.24 -10.17
N LEU C 172 12.93 -2.51 -10.94
CA LEU C 172 14.09 -1.82 -10.38
C LEU C 172 13.61 -0.87 -9.27
N ALA C 173 12.55 -0.12 -9.57
CA ALA C 173 12.00 0.83 -8.60
C ALA C 173 11.60 0.15 -7.30
N VAL C 174 10.85 -0.94 -7.39
CA VAL C 174 10.44 -1.67 -6.21
C VAL C 174 11.63 -2.23 -5.45
N ASN C 175 12.54 -2.86 -6.17
CA ASN C 175 13.73 -3.44 -5.54
C ASN C 175 14.52 -2.39 -4.78
N LEU C 176 14.76 -1.26 -5.43
CA LEU C 176 15.52 -0.17 -4.84
C LEU C 176 14.86 0.47 -3.62
N TRP C 177 13.57 0.74 -3.73
CA TRP C 177 12.85 1.37 -2.62
C TRP C 177 12.72 0.45 -1.41
N ALA C 178 12.35 -0.80 -1.64
CA ALA C 178 12.18 -1.75 -0.54
C ALA C 178 13.51 -1.93 0.19
N ALA C 179 14.59 -2.01 -0.56
CA ALA C 179 15.91 -2.16 0.04
C ALA C 179 16.14 -0.94 0.94
N GLY C 180 15.72 0.22 0.45
CA GLY C 180 15.86 1.45 1.22
C GLY C 180 15.10 1.40 2.52
N GLU C 181 13.84 0.96 2.47
CA GLU C 181 13.03 0.86 3.68
C GLU C 181 13.72 -0.09 4.67
N GLY C 182 14.18 -1.24 4.16
CA GLY C 182 14.83 -2.21 5.01
C GLY C 182 16.15 -1.72 5.61
N LEU C 183 16.99 -1.11 4.78
CA LEU C 183 18.27 -0.61 5.25
C LEU C 183 18.09 0.52 6.26
N LEU C 184 17.09 1.35 6.03
CA LEU C 184 16.81 2.47 6.93
C LEU C 184 16.52 1.90 8.32
N ALA C 185 15.65 0.90 8.38
CA ALA C 185 15.30 0.27 9.64
C ALA C 185 16.53 -0.35 10.32
N LEU C 186 17.36 -1.04 9.53
CA LEU C 186 18.55 -1.66 10.08
C LEU C 186 19.55 -0.66 10.65
N VAL C 187 19.87 0.38 9.89
CA VAL C 187 20.80 1.41 10.36
C VAL C 187 20.31 2.05 11.66
N LYS C 188 18.99 2.27 11.72
CA LYS C 188 18.44 2.92 12.91
C LYS C 188 18.64 2.09 14.20
N GLN C 189 18.76 0.75 14.05
CA GLN C 189 18.99 -0.02 15.28
C GLN C 189 20.44 -0.46 15.49
N GLY C 190 21.37 0.27 14.88
CA GLY C 190 22.78 -0.04 15.06
C GLY C 190 23.46 -0.98 14.08
N VAL C 191 22.73 -1.41 13.05
CA VAL C 191 23.32 -2.30 12.06
C VAL C 191 24.14 -1.54 11.03
N SER C 192 25.28 -2.12 10.63
CA SER C 192 26.14 -1.51 9.63
C SER C 192 25.52 -1.73 8.26
N ALA C 193 25.22 -0.63 7.54
CA ALA C 193 24.62 -0.74 6.21
C ALA C 193 25.55 -1.46 5.26
N GLU C 194 26.84 -1.16 5.36
CA GLU C 194 27.85 -1.77 4.52
C GLU C 194 27.89 -3.28 4.71
N LYS C 195 27.96 -3.71 5.97
CA LYS C 195 28.00 -5.13 6.30
C LYS C 195 26.69 -5.82 5.97
N ALA C 196 25.58 -5.14 6.21
CA ALA C 196 24.26 -5.71 5.91
C ALA C 196 24.17 -6.00 4.42
N LEU C 197 24.64 -5.05 3.60
CA LEU C 197 24.61 -5.24 2.15
C LEU C 197 25.53 -6.37 1.72
N GLU C 198 26.64 -6.55 2.42
CA GLU C 198 27.55 -7.63 2.07
C GLU C 198 26.79 -8.95 2.21
N VAL C 199 26.03 -9.07 3.30
CA VAL C 199 25.26 -10.29 3.55
C VAL C 199 24.14 -10.44 2.53
N ILE C 200 23.34 -9.39 2.35
CA ILE C 200 22.24 -9.42 1.41
C ILE C 200 22.70 -9.76 0.00
N ASN C 201 23.82 -9.18 -0.43
CA ASN C 201 24.33 -9.45 -1.76
C ASN C 201 24.90 -10.86 -1.93
N ALA C 202 24.96 -11.60 -0.82
CA ALA C 202 25.44 -12.97 -0.85
C ALA C 202 24.24 -13.88 -0.53
N SER C 203 23.07 -13.28 -0.40
CA SER C 203 21.87 -14.03 -0.06
C SER C 203 20.71 -13.86 -1.04
N SER C 204 19.57 -14.46 -0.71
CA SER C 204 18.38 -14.43 -1.56
C SER C 204 17.74 -13.08 -1.83
N GLY C 205 17.99 -12.11 -0.96
CA GLY C 205 17.40 -10.79 -1.13
C GLY C 205 18.13 -9.87 -2.09
N ARG C 206 19.25 -10.32 -2.65
CA ARG C 206 20.02 -9.49 -3.55
C ARG C 206 19.31 -9.11 -4.84
N SER C 207 19.65 -7.93 -5.35
CA SER C 207 19.09 -7.43 -6.60
C SER C 207 20.14 -6.51 -7.19
N ASN C 208 19.96 -6.12 -8.45
CA ASN C 208 20.90 -5.21 -9.08
C ASN C 208 20.96 -3.93 -8.24
N ALA C 209 19.84 -3.58 -7.61
CA ALA C 209 19.77 -2.38 -6.79
C ALA C 209 20.71 -2.46 -5.57
N THR C 210 20.70 -3.59 -4.88
CA THR C 210 21.56 -3.74 -3.70
C THR C 210 23.01 -4.03 -4.09
N GLU C 211 23.20 -4.62 -5.26
CA GLU C 211 24.53 -4.97 -5.71
C GLU C 211 25.31 -3.85 -6.39
N ASN C 212 24.66 -3.12 -7.28
CA ASN C 212 25.34 -2.08 -8.05
C ASN C 212 24.90 -0.63 -7.93
N LEU C 213 23.92 -0.33 -7.09
CA LEU C 213 23.46 1.05 -6.96
C LEU C 213 23.62 1.63 -5.57
N ILE C 214 23.04 0.96 -4.58
CA ILE C 214 23.09 1.44 -3.20
C ILE C 214 24.50 1.52 -2.59
N PRO C 215 25.30 0.46 -2.72
CA PRO C 215 26.64 0.53 -2.13
C PRO C 215 27.49 1.64 -2.74
N GLN C 216 27.43 1.77 -4.06
CA GLN C 216 28.22 2.75 -4.79
C GLN C 216 27.72 4.20 -4.75
N ARG C 217 26.42 4.39 -4.62
CA ARG C 217 25.86 5.74 -4.62
C ARG C 217 25.38 6.28 -3.28
N VAL C 218 24.78 5.41 -2.46
CA VAL C 218 24.25 5.84 -1.19
C VAL C 218 25.24 5.79 -0.02
N LEU C 219 25.82 4.62 0.22
CA LEU C 219 26.76 4.48 1.32
C LEU C 219 27.93 5.46 1.19
N THR C 220 28.34 5.73 -0.03
CA THR C 220 29.44 6.65 -0.31
C THR C 220 29.00 8.10 -0.23
N ARG C 221 27.70 8.32 -0.28
CA ARG C 221 27.11 9.65 -0.24
C ARG C 221 27.41 10.39 -1.53
N ALA C 222 27.93 9.66 -2.52
CA ALA C 222 28.28 10.23 -3.82
C ALA C 222 27.07 10.71 -4.61
N PHE C 223 26.02 9.90 -4.64
CA PHE C 223 24.80 10.22 -5.37
C PHE C 223 25.06 10.84 -6.73
N PRO C 224 25.80 10.13 -7.60
CA PRO C 224 26.09 10.69 -8.93
C PRO C 224 24.81 10.79 -9.74
N LYS C 225 24.76 11.75 -10.66
CA LYS C 225 23.59 11.95 -11.51
C LYS C 225 23.77 11.21 -12.83
N THR C 226 23.00 10.15 -13.03
CA THR C 226 23.10 9.38 -14.28
C THR C 226 21.74 9.10 -14.92
N PHE C 227 20.69 9.06 -14.11
CA PHE C 227 19.33 8.79 -14.60
C PHE C 227 18.34 9.60 -13.77
N ALA C 228 17.77 10.64 -14.37
CA ALA C 228 16.82 11.53 -13.68
C ALA C 228 15.62 10.83 -13.03
N LEU C 229 15.35 11.23 -11.78
CA LEU C 229 14.23 10.69 -11.02
C LEU C 229 12.93 10.93 -11.80
N GLY C 230 12.84 12.07 -12.45
CA GLY C 230 11.66 12.40 -13.23
C GLY C 230 11.40 11.38 -14.34
N LEU C 231 12.47 10.90 -14.96
CA LEU C 231 12.33 9.92 -16.02
C LEU C 231 11.88 8.57 -15.46
N LEU C 232 12.37 8.21 -14.28
CA LEU C 232 11.97 6.94 -13.68
C LEU C 232 10.48 6.99 -13.35
N VAL C 233 10.01 8.14 -12.89
CA VAL C 233 8.59 8.27 -12.58
C VAL C 233 7.81 8.13 -13.89
N LYS C 234 8.34 8.73 -14.96
CA LYS C 234 7.69 8.65 -16.26
C LYS C 234 7.59 7.18 -16.67
N ASP C 235 8.67 6.42 -16.45
CA ASP C 235 8.68 5.01 -16.79
C ASP C 235 7.64 4.25 -15.97
N LEU C 236 7.57 4.55 -14.68
CA LEU C 236 6.58 3.89 -13.82
C LEU C 236 5.18 4.21 -14.34
N GLY C 237 5.02 5.41 -14.90
CA GLY C 237 3.74 5.80 -15.46
C GLY C 237 3.38 4.90 -16.62
N ILE C 238 4.38 4.59 -17.44
CA ILE C 238 4.17 3.72 -18.60
C ILE C 238 3.89 2.31 -18.10
N ALA C 239 4.56 1.90 -17.03
CA ALA C 239 4.35 0.57 -16.46
C ALA C 239 2.91 0.43 -15.98
N GLY C 241 0.42 1.75 -17.29
CA GLY C 241 -0.37 1.58 -18.50
C GLY C 241 -0.34 0.13 -18.94
N VAL C 242 0.79 -0.54 -18.69
CA VAL C 242 0.93 -1.94 -19.05
C VAL C 242 0.04 -2.78 -18.12
N LEU C 243 0.00 -2.39 -16.85
CA LEU C 243 -0.83 -3.11 -15.88
C LEU C 243 -2.31 -2.89 -16.18
N ASP C 244 -2.63 -1.76 -16.82
CA ASP C 244 -4.02 -1.43 -17.16
C ASP C 244 -4.57 -2.33 -18.25
N GLY C 245 -3.69 -3.06 -18.94
CA GLY C 245 -4.15 -3.93 -20.01
C GLY C 245 -5.13 -4.99 -19.53
N GLU C 246 -4.75 -5.70 -18.48
CA GLU C 246 -5.58 -6.76 -17.92
C GLU C 246 -6.12 -6.33 -16.56
N LYS C 247 -5.38 -5.46 -15.89
CA LYS C 247 -5.74 -4.96 -14.56
C LYS C 247 -5.84 -6.06 -13.52
N ALA C 248 -4.95 -7.04 -13.61
CA ALA C 248 -4.92 -8.12 -12.62
C ALA C 248 -4.39 -7.43 -11.37
N PRO C 249 -4.79 -7.90 -10.18
CA PRO C 249 -4.34 -7.29 -8.92
C PRO C 249 -2.81 -7.12 -8.85
N SER C 250 -2.37 -5.87 -8.79
CA SER C 250 -0.94 -5.54 -8.76
C SER C 250 -0.65 -4.47 -7.71
N PRO C 251 -0.95 -4.76 -6.44
CA PRO C 251 -0.73 -3.79 -5.35
C PRO C 251 0.69 -3.22 -5.20
N LEU C 252 1.71 -4.07 -5.25
CA LEU C 252 3.08 -3.58 -5.07
C LEU C 252 3.52 -2.61 -6.16
N LEU C 253 3.33 -2.98 -7.43
CA LEU C 253 3.75 -2.11 -8.51
C LEU C 253 2.96 -0.80 -8.53
N ARG C 254 1.67 -0.87 -8.21
CA ARG C 254 0.85 0.35 -8.18
C ARG C 254 1.38 1.31 -7.12
N LEU C 255 1.66 0.77 -5.94
CA LEU C 255 2.17 1.60 -4.84
C LEU C 255 3.54 2.18 -5.16
N ALA C 256 4.35 1.42 -5.90
CA ALA C 256 5.67 1.88 -6.28
C ALA C 256 5.61 3.21 -7.03
N ARG C 257 4.65 3.35 -7.94
CA ARG C 257 4.52 4.60 -8.69
C ARG C 257 4.21 5.77 -7.76
N GLU C 258 3.38 5.53 -6.76
CA GLU C 258 3.00 6.59 -5.83
C GLU C 258 4.15 7.06 -4.94
N VAL C 259 4.93 6.12 -4.40
CA VAL C 259 6.04 6.51 -3.53
C VAL C 259 7.13 7.26 -4.31
N TYR C 260 7.40 6.85 -5.54
CA TYR C 260 8.40 7.56 -6.33
C TYR C 260 7.88 8.94 -6.74
N GLU C 261 6.56 9.07 -6.87
CA GLU C 261 5.98 10.37 -7.20
C GLU C 261 6.27 11.29 -6.02
N ALA C 263 8.75 11.09 -3.92
CA ALA C 263 10.16 11.44 -3.98
C ALA C 263 10.38 12.56 -4.99
N LYS C 264 9.77 12.43 -6.16
CA LYS C 264 9.91 13.43 -7.22
C LYS C 264 9.40 14.79 -6.78
N ARG C 265 8.29 14.80 -6.06
CA ARG C 265 7.70 16.05 -5.60
C ARG C 265 8.53 16.70 -4.51
N GLU C 266 9.22 15.87 -3.72
CA GLU C 266 10.05 16.36 -2.63
C GLU C 266 11.48 16.74 -3.01
N LEU C 267 12.07 15.98 -3.93
CA LEU C 267 13.44 16.21 -4.33
C LEU C 267 13.63 16.85 -5.69
N GLY C 268 12.58 16.85 -6.51
CA GLY C 268 12.68 17.44 -7.83
C GLY C 268 12.93 16.38 -8.88
N PRO C 269 12.46 16.61 -10.12
CA PRO C 269 12.64 15.65 -11.21
C PRO C 269 14.09 15.47 -11.69
N ASP C 270 14.93 16.47 -11.46
CA ASP C 270 16.32 16.40 -11.90
C ASP C 270 17.30 15.72 -10.94
N ALA C 271 16.80 15.27 -9.79
CA ALA C 271 17.65 14.58 -8.84
C ALA C 271 17.89 13.21 -9.49
N ASP C 272 18.90 12.47 -9.04
CA ASP C 272 19.14 11.15 -9.60
C ASP C 272 18.09 10.20 -9.05
N HIS C 273 17.72 9.19 -9.82
CA HIS C 273 16.70 8.25 -9.38
C HIS C 273 17.03 7.61 -8.03
N VAL C 274 18.31 7.33 -7.80
CA VAL C 274 18.71 6.71 -6.54
C VAL C 274 18.55 7.66 -5.36
N GLU C 275 18.49 8.96 -5.65
CA GLU C 275 18.33 9.94 -4.58
C GLU C 275 16.94 9.82 -3.94
N ALA C 276 16.08 8.99 -4.54
CA ALA C 276 14.75 8.80 -3.99
C ALA C 276 14.90 8.31 -2.54
N LEU C 277 15.99 7.58 -2.28
CA LEU C 277 16.24 7.07 -0.95
C LEU C 277 16.52 8.19 0.05
N ARG C 278 16.87 9.37 -0.44
CA ARG C 278 17.13 10.50 0.44
C ARG C 278 15.85 10.84 1.21
N LEU C 279 14.70 10.58 0.58
CA LEU C 279 13.42 10.85 1.23
C LEU C 279 13.26 9.97 2.45
N LEU C 280 13.70 8.71 2.34
CA LEU C 280 13.62 7.78 3.45
C LEU C 280 14.59 8.20 4.54
N GLU C 281 15.74 8.72 4.14
CA GLU C 281 16.75 9.16 5.11
C GLU C 281 16.20 10.39 5.82
N ARG C 282 15.49 11.21 5.06
CA ARG C 282 14.87 12.43 5.59
C ARG C 282 13.92 12.03 6.74
N TRP C 283 12.97 11.16 6.43
CA TRP C 283 12.01 10.72 7.42
C TRP C 283 12.67 9.97 8.57
N GLY C 284 13.62 9.11 8.25
CA GLY C 284 14.30 8.33 9.26
C GLY C 284 15.20 9.13 10.18
N GLY C 285 15.66 10.28 9.71
CA GLY C 285 16.54 11.11 10.52
C GLY C 285 17.92 10.49 10.65
N VAL C 286 18.31 9.73 9.63
CA VAL C 286 19.61 9.08 9.63
C VAL C 286 20.00 8.74 8.19
N GLU C 287 21.30 8.74 7.92
CA GLU C 287 21.79 8.43 6.58
C GLU C 287 22.07 6.93 6.44
N ILE C 288 21.83 6.40 5.25
CA ILE C 288 22.09 5.00 4.98
C ILE C 288 23.54 4.86 4.55
N ARG C 289 24.40 4.55 5.53
CA ARG C 289 25.82 4.36 5.27
C ARG C 289 26.53 3.92 6.54
N GLU D 2 39.06 -27.03 21.54
CA GLU D 2 38.07 -26.98 22.65
C GLU D 2 36.79 -27.71 22.25
N LYS D 3 35.97 -28.04 23.24
CA LYS D 3 34.71 -28.76 23.01
C LYS D 3 33.55 -27.86 22.61
N VAL D 4 32.74 -28.33 21.67
CA VAL D 4 31.57 -27.59 21.22
C VAL D 4 30.36 -28.48 21.37
N ALA D 5 29.18 -27.88 21.39
CA ALA D 5 27.93 -28.63 21.53
C ALA D 5 26.96 -28.04 20.54
N PHE D 6 26.14 -28.89 19.90
CA PHE D 6 25.16 -28.41 18.93
C PHE D 6 23.77 -28.88 19.29
N ILE D 7 22.84 -27.94 19.41
CA ILE D 7 21.45 -28.21 19.76
C ILE D 7 20.54 -28.01 18.56
N GLY D 8 19.85 -29.07 18.17
CA GLY D 8 18.93 -29.00 17.03
C GLY D 8 19.55 -29.59 15.78
N LEU D 9 19.17 -30.83 15.47
CA LEU D 9 19.70 -31.53 14.31
C LEU D 9 18.69 -31.67 13.18
N GLY D 10 18.12 -30.53 12.76
CA GLY D 10 17.14 -30.54 11.68
C GLY D 10 17.84 -30.63 10.33
N ALA D 11 17.14 -30.25 9.27
CA ALA D 11 17.69 -30.30 7.92
C ALA D 11 18.94 -29.43 7.82
N GLY D 13 20.61 -28.07 10.91
CA GLY D 13 21.48 -28.42 12.03
C GLY D 13 22.28 -29.70 11.92
N TYR D 14 21.68 -30.75 11.36
CA TYR D 14 22.37 -32.03 11.21
C TYR D 14 23.69 -31.86 10.42
N PRO D 15 23.61 -31.33 9.19
CA PRO D 15 24.87 -31.17 8.44
C PRO D 15 25.80 -30.17 9.10
N ALA D 17 26.25 -29.47 12.28
CA ALA D 17 26.94 -30.11 13.39
C ALA D 17 27.99 -31.09 12.86
N GLY D 18 27.74 -31.62 11.66
CA GLY D 18 28.68 -32.55 11.05
C GLY D 18 29.98 -31.85 10.70
N HIS D 19 29.89 -30.62 10.23
CA HIS D 19 31.09 -29.86 9.90
C HIS D 19 31.86 -29.55 11.17
N LEU D 20 31.15 -29.30 12.27
CA LEU D 20 31.80 -29.02 13.54
C LEU D 20 32.52 -30.28 14.02
N ALA D 21 31.85 -31.42 13.91
CA ALA D 21 32.39 -32.70 14.34
C ALA D 21 33.72 -33.04 13.68
N ARG D 22 33.91 -32.57 12.45
CA ARG D 22 35.14 -32.83 11.71
C ARG D 22 36.33 -32.07 12.30
N ARG D 23 36.05 -30.98 13.02
CA ARG D 23 37.12 -30.16 13.59
C ARG D 23 37.28 -30.21 15.09
N PHE D 24 36.19 -30.39 15.82
CA PHE D 24 36.27 -30.38 17.27
C PHE D 24 35.50 -31.51 17.95
N PRO D 25 35.81 -31.77 19.23
CA PRO D 25 35.10 -32.82 19.95
C PRO D 25 33.71 -32.21 20.01
N THR D 26 32.71 -32.91 19.49
CA THR D 26 31.37 -32.34 19.44
C THR D 26 30.28 -33.15 20.13
N LEU D 27 29.49 -32.46 20.96
CA LEU D 27 28.37 -33.08 21.65
C LEU D 27 27.13 -32.61 20.89
N VAL D 28 26.17 -33.50 20.69
CA VAL D 28 24.96 -33.12 19.98
C VAL D 28 23.71 -33.50 20.73
N TRP D 29 22.65 -32.73 20.51
CA TRP D 29 21.37 -32.97 21.14
C TRP D 29 20.25 -32.59 20.18
N ASN D 30 19.17 -33.36 20.22
CA ASN D 30 18.00 -33.10 19.38
C ASN D 30 16.76 -33.47 20.17
N ARG D 31 15.66 -32.76 19.92
CA ARG D 31 14.40 -33.04 20.62
C ARG D 31 14.15 -34.54 20.61
N THR D 32 14.32 -35.16 19.44
CA THR D 32 14.14 -36.60 19.31
C THR D 32 15.52 -37.25 19.24
N PHE D 33 15.78 -38.18 20.14
CA PHE D 33 17.06 -38.87 20.24
C PHE D 33 17.56 -39.58 18.97
N GLU D 34 16.64 -40.16 18.21
CA GLU D 34 16.99 -40.87 16.98
C GLU D 34 18.02 -40.11 16.12
N LYS D 35 17.78 -38.83 15.88
CA LYS D 35 18.67 -38.03 15.06
C LYS D 35 20.05 -37.82 15.67
N ALA D 36 20.10 -37.67 16.99
CA ALA D 36 21.38 -37.48 17.67
C ALA D 36 22.21 -38.75 17.58
N LEU D 37 21.57 -39.90 17.79
CA LEU D 37 22.27 -41.17 17.71
C LEU D 37 22.81 -41.35 16.29
N ARG D 38 21.98 -41.05 15.30
CA ARG D 38 22.36 -41.17 13.90
C ARG D 38 23.59 -40.32 13.62
N HIS D 39 23.58 -39.08 14.14
CA HIS D 39 24.69 -38.15 13.94
C HIS D 39 25.96 -38.72 14.54
N GLN D 40 25.86 -39.25 15.75
CA GLN D 40 27.00 -39.84 16.44
C GLN D 40 27.60 -40.98 15.60
N GLU D 41 26.73 -41.84 15.09
CA GLU D 41 27.18 -42.97 14.28
C GLU D 41 27.79 -42.55 12.95
N GLU D 42 27.36 -41.39 12.43
CA GLU D 42 27.89 -40.91 11.16
C GLU D 42 29.13 -40.02 11.26
N PHE D 43 29.14 -39.10 12.22
CA PHE D 43 30.27 -38.17 12.37
C PHE D 43 31.22 -38.35 13.53
N GLY D 44 30.87 -39.17 14.51
CA GLY D 44 31.78 -39.34 15.63
C GLY D 44 31.51 -38.32 16.72
N SER D 45 30.39 -37.62 16.60
CA SER D 45 29.97 -36.67 17.61
C SER D 45 29.44 -37.55 18.74
N GLU D 46 29.07 -36.95 19.87
CA GLU D 46 28.53 -37.74 20.97
C GLU D 46 27.15 -37.23 21.37
N ALA D 47 26.14 -38.10 21.25
CA ALA D 47 24.78 -37.73 21.63
C ALA D 47 24.71 -37.68 23.15
N VAL D 48 24.14 -36.60 23.69
CA VAL D 48 24.06 -36.45 25.14
C VAL D 48 22.75 -35.84 25.63
N PRO D 49 22.45 -36.00 26.93
CA PRO D 49 21.22 -35.42 27.48
C PRO D 49 21.50 -33.92 27.44
N LEU D 50 20.45 -33.10 27.35
CA LEU D 50 20.62 -31.67 27.27
C LEU D 50 21.58 -31.05 28.30
N GLU D 51 21.54 -31.55 29.53
CA GLU D 51 22.38 -31.03 30.60
C GLU D 51 23.88 -30.99 30.27
N ARG D 52 24.37 -32.03 29.59
CA ARG D 52 25.79 -32.09 29.25
C ARG D 52 26.26 -31.05 28.24
N VAL D 53 25.32 -30.42 27.53
CA VAL D 53 25.69 -29.41 26.55
C VAL D 53 26.46 -28.27 27.21
N ALA D 54 26.22 -28.07 28.51
CA ALA D 54 26.89 -27.00 29.26
C ALA D 54 28.39 -27.26 29.44
N GLU D 55 28.84 -28.45 29.06
CA GLU D 55 30.26 -28.81 29.17
C GLU D 55 31.08 -28.15 28.08
N ALA D 56 30.41 -27.69 27.02
CA ALA D 56 31.10 -27.07 25.90
C ALA D 56 31.54 -25.63 26.13
N ARG D 57 32.54 -25.22 25.35
CA ARG D 57 33.07 -23.87 25.40
C ARG D 57 32.14 -23.02 24.54
N VAL D 58 31.63 -23.63 23.48
CA VAL D 58 30.72 -22.96 22.57
C VAL D 58 29.49 -23.81 22.33
N ILE D 59 28.33 -23.24 22.63
CA ILE D 59 27.05 -23.92 22.44
C ILE D 59 26.42 -23.35 21.19
N PHE D 60 25.96 -24.21 20.30
CA PHE D 60 25.31 -23.77 19.07
C PHE D 60 23.85 -24.19 19.10
N THR D 61 22.96 -23.32 18.65
CA THR D 61 21.54 -23.66 18.59
C THR D 61 21.00 -23.36 17.18
N CYS D 62 20.26 -24.33 16.64
CA CYS D 62 19.63 -24.18 15.33
C CYS D 62 18.22 -24.74 15.57
N LEU D 63 17.33 -23.88 16.01
CA LEU D 63 15.96 -24.29 16.32
C LEU D 63 14.94 -23.53 15.49
N PRO D 64 13.67 -23.95 15.51
CA PRO D 64 12.62 -23.28 14.73
C PRO D 64 12.46 -21.78 14.99
N THR D 65 12.33 -21.41 16.26
CA THR D 65 12.16 -20.00 16.61
C THR D 65 12.81 -19.67 17.96
N THR D 66 12.84 -18.40 18.29
CA THR D 66 13.42 -17.93 19.53
C THR D 66 12.69 -18.57 20.71
N ARG D 67 11.42 -18.90 20.52
CA ARG D 67 10.64 -19.53 21.58
C ARG D 67 11.34 -20.80 22.05
N GLU D 68 11.78 -21.62 21.11
CA GLU D 68 12.48 -22.86 21.45
C GLU D 68 13.85 -22.59 22.05
N VAL D 69 14.53 -21.54 21.58
CA VAL D 69 15.84 -21.19 22.12
C VAL D 69 15.67 -20.79 23.58
N TYR D 70 14.54 -20.13 23.88
CA TYR D 70 14.26 -19.72 25.25
C TYR D 70 14.08 -20.97 26.12
N GLU D 71 13.37 -21.95 25.59
CA GLU D 71 13.11 -23.19 26.33
C GLU D 71 14.40 -23.90 26.69
N VAL D 72 15.30 -24.01 25.73
CA VAL D 72 16.57 -24.67 25.98
C VAL D 72 17.42 -23.84 26.96
N ALA D 73 17.36 -22.52 26.81
CA ALA D 73 18.11 -21.65 27.70
C ALA D 73 17.66 -21.83 29.16
N GLU D 74 16.36 -21.91 29.36
CA GLU D 74 15.82 -22.07 30.70
C GLU D 74 16.21 -23.42 31.30
N ALA D 75 16.29 -24.45 30.45
CA ALA D 75 16.67 -25.78 30.92
C ALA D 75 18.15 -25.83 31.29
N LEU D 76 18.98 -25.16 30.51
CA LEU D 76 20.43 -25.16 30.74
C LEU D 76 20.92 -24.14 31.77
N TYR D 77 20.11 -23.12 32.01
CA TYR D 77 20.49 -22.05 32.94
C TYR D 77 21.19 -22.49 34.22
N PRO D 78 20.67 -23.52 34.91
CA PRO D 78 21.30 -23.98 36.16
C PRO D 78 22.69 -24.63 35.97
N TYR D 79 23.05 -24.93 34.74
CA TYR D 79 24.32 -25.58 34.46
C TYR D 79 25.35 -24.74 33.71
N LEU D 80 24.90 -23.64 33.11
CA LEU D 80 25.79 -22.76 32.33
C LEU D 80 26.98 -22.24 33.11
N ARG D 81 28.17 -22.37 32.52
CA ARG D 81 29.41 -21.92 33.13
C ARG D 81 29.96 -20.63 32.53
N GLU D 82 30.58 -19.81 33.37
CA GLU D 82 31.13 -18.54 32.93
C GLU D 82 32.19 -18.72 31.85
N GLY D 83 32.27 -17.77 30.93
CA GLY D 83 33.25 -17.84 29.87
C GLY D 83 32.81 -18.67 28.67
N THR D 84 31.56 -19.11 28.70
CA THR D 84 30.99 -19.92 27.62
C THR D 84 30.34 -19.01 26.58
N TYR D 85 30.30 -19.46 25.34
CA TYR D 85 29.70 -18.69 24.26
C TYR D 85 28.48 -19.45 23.74
N TRP D 86 27.48 -18.69 23.29
CA TRP D 86 26.26 -19.28 22.75
C TRP D 86 26.06 -18.68 21.37
N VAL D 87 26.16 -19.52 20.34
CA VAL D 87 25.98 -19.07 18.97
C VAL D 87 24.62 -19.57 18.48
N ASP D 88 23.72 -18.62 18.25
CA ASP D 88 22.36 -18.95 17.85
C ASP D 88 22.12 -18.76 16.35
N ALA D 89 22.08 -19.87 15.62
CA ALA D 89 21.86 -19.84 14.17
C ALA D 89 20.38 -19.83 13.82
N THR D 90 19.53 -19.78 14.83
CA THR D 90 18.09 -19.73 14.63
C THR D 90 17.74 -18.41 13.93
N SER D 91 16.70 -18.40 13.09
CA SER D 91 16.27 -17.16 12.47
C SER D 91 15.36 -16.60 13.56
N GLY D 92 15.95 -15.90 14.51
CA GLY D 92 15.17 -15.39 15.62
C GLY D 92 14.68 -13.96 15.59
N GLU D 93 14.04 -13.56 16.68
CA GLU D 93 13.51 -12.21 16.83
C GLU D 93 14.57 -11.39 17.54
N PRO D 94 14.98 -10.25 16.95
CA PRO D 94 15.99 -9.39 17.54
C PRO D 94 15.74 -8.98 19.00
N GLU D 95 14.57 -8.42 19.28
CA GLU D 95 14.26 -7.97 20.63
C GLU D 95 14.27 -9.08 21.68
N ALA D 96 13.55 -10.16 21.42
CA ALA D 96 13.51 -11.28 22.35
C ALA D 96 14.92 -11.85 22.57
N SER D 97 15.74 -11.80 21.52
CA SER D 97 17.10 -12.32 21.62
C SER D 97 17.98 -11.41 22.46
N ARG D 98 17.75 -10.11 22.40
CA ARG D 98 18.55 -9.18 23.21
C ARG D 98 18.23 -9.45 24.68
N ARG D 99 16.96 -9.71 24.98
CA ARG D 99 16.54 -9.99 26.34
C ARG D 99 17.20 -11.30 26.79
N LEU D 100 17.30 -12.25 25.87
CA LEU D 100 17.93 -13.54 26.17
C LEU D 100 19.42 -13.33 26.46
N ALA D 101 20.09 -12.54 25.62
CA ALA D 101 21.51 -12.28 25.81
C ALA D 101 21.76 -11.69 27.18
N GLU D 102 20.85 -10.82 27.63
CA GLU D 102 20.99 -10.20 28.94
C GLU D 102 20.86 -11.25 30.05
N ARG D 103 19.88 -12.14 29.89
CA ARG D 103 19.66 -13.21 30.86
C ARG D 103 20.88 -14.12 30.96
N LEU D 104 21.45 -14.49 29.81
CA LEU D 104 22.62 -15.36 29.77
C LEU D 104 23.86 -14.71 30.37
N ARG D 105 23.96 -13.41 30.22
CA ARG D 105 25.10 -12.65 30.73
C ARG D 105 25.20 -12.82 32.25
N GLU D 106 24.07 -13.08 32.89
CA GLU D 106 24.02 -13.27 34.34
C GLU D 106 24.80 -14.51 34.75
N LYS D 107 25.06 -15.39 33.78
CA LYS D 107 25.81 -16.62 34.03
C LYS D 107 27.20 -16.55 33.40
N GLY D 108 27.56 -15.37 32.88
CA GLY D 108 28.86 -15.23 32.26
C GLY D 108 28.89 -15.86 30.88
N VAL D 109 27.71 -16.00 30.28
CA VAL D 109 27.57 -16.59 28.96
C VAL D 109 27.37 -15.47 27.94
N THR D 110 28.16 -15.51 26.86
CA THR D 110 28.06 -14.50 25.82
C THR D 110 27.26 -15.02 24.65
N TYR D 111 26.09 -14.42 24.44
CA TYR D 111 25.18 -14.79 23.35
C TYR D 111 25.50 -13.98 22.10
N LEU D 112 25.49 -14.65 20.96
CA LEU D 112 25.73 -14.00 19.67
C LEU D 112 24.70 -14.55 18.70
N ASP D 113 23.91 -13.68 18.08
CA ASP D 113 22.95 -14.18 17.11
C ASP D 113 23.72 -14.40 15.82
N ALA D 114 23.55 -15.57 15.22
CA ALA D 114 24.27 -15.90 14.00
C ALA D 114 23.47 -16.67 12.96
N PRO D 115 22.37 -16.08 12.48
CA PRO D 115 21.52 -16.71 11.46
C PRO D 115 22.36 -16.98 10.23
N VAL D 116 21.90 -17.89 9.38
CA VAL D 116 22.64 -18.26 8.17
C VAL D 116 21.79 -18.18 6.91
N SER D 117 22.47 -18.13 5.76
CA SER D 117 21.79 -18.12 4.48
C SER D 117 22.55 -19.11 3.59
N GLY D 118 21.83 -19.82 2.73
CA GLY D 118 22.48 -20.80 1.87
C GLY D 118 21.67 -22.08 1.79
N GLY D 119 20.68 -22.21 2.67
CA GLY D 119 19.83 -23.38 2.69
C GLY D 119 20.50 -24.70 3.03
N THR D 120 19.80 -25.80 2.77
CA THR D 120 20.34 -27.12 3.06
C THR D 120 21.56 -27.43 2.19
N SER D 121 21.54 -26.97 0.94
CA SER D 121 22.68 -27.21 0.05
C SER D 121 23.93 -26.56 0.64
N GLY D 122 23.74 -25.34 1.16
CA GLY D 122 24.86 -24.62 1.76
C GLY D 122 25.32 -25.26 3.05
N ALA D 123 24.36 -25.78 3.84
CA ALA D 123 24.70 -26.44 5.09
C ALA D 123 25.47 -27.73 4.80
N GLU D 124 24.99 -28.49 3.83
CA GLU D 124 25.67 -29.74 3.46
C GLU D 124 27.08 -29.48 2.96
N ALA D 125 27.24 -28.43 2.15
CA ALA D 125 28.55 -28.09 1.58
C ALA D 125 29.46 -27.36 2.57
N GLY D 126 28.86 -26.79 3.60
CA GLY D 126 29.64 -26.05 4.58
C GLY D 126 30.07 -24.69 4.04
N THR D 127 29.20 -24.08 3.24
CA THR D 127 29.48 -22.78 2.63
C THR D 127 28.48 -21.70 3.05
N LEU D 128 27.77 -21.95 4.14
CA LEU D 128 26.78 -21.00 4.63
C LEU D 128 27.34 -19.62 4.88
N THR D 129 26.51 -18.59 4.68
CA THR D 129 26.91 -17.22 4.94
C THR D 129 26.37 -16.94 6.34
N VAL D 130 27.21 -16.39 7.20
CA VAL D 130 26.79 -16.10 8.57
C VAL D 130 26.75 -14.61 8.85
N LEU D 132 26.61 -12.27 11.90
CA LEU D 132 26.81 -12.21 13.35
C LEU D 132 26.46 -10.90 14.02
N GLY D 133 25.80 -11.01 15.17
CA GLY D 133 25.45 -9.84 15.96
C GLY D 133 26.08 -10.04 17.32
N GLY D 134 26.77 -9.03 17.83
CA GLY D 134 27.40 -9.17 19.14
C GLY D 134 28.66 -8.34 19.32
N PRO D 135 29.33 -8.46 20.48
CA PRO D 135 30.56 -7.73 20.81
C PRO D 135 31.71 -8.13 19.88
N GLU D 136 32.49 -7.15 19.47
CA GLU D 136 33.62 -7.38 18.57
C GLU D 136 34.60 -8.45 19.05
N GLU D 137 34.93 -8.44 20.34
CA GLU D 137 35.87 -9.41 20.88
C GLU D 137 35.29 -10.83 20.85
N ALA D 138 34.00 -10.96 21.11
CA ALA D 138 33.33 -12.26 21.10
C ALA D 138 33.25 -12.80 19.67
N VAL D 139 33.04 -11.91 18.71
CA VAL D 139 32.95 -12.31 17.31
C VAL D 139 34.28 -12.93 16.88
N GLU D 140 35.38 -12.23 17.20
CA GLU D 140 36.72 -12.70 16.85
C GLU D 140 37.02 -14.04 17.51
N ARG D 141 36.47 -14.23 18.70
CA ARG D 141 36.66 -15.46 19.46
C ARG D 141 35.95 -16.66 18.81
N VAL D 142 34.75 -16.45 18.29
CA VAL D 142 34.00 -17.55 17.69
C VAL D 142 34.24 -17.82 16.19
N ARG D 143 34.82 -16.87 15.47
CA ARG D 143 35.07 -17.05 14.04
C ARG D 143 35.66 -18.40 13.65
N PRO D 144 36.74 -18.83 14.33
CA PRO D 144 37.36 -20.11 14.01
C PRO D 144 36.52 -21.36 14.28
N PHE D 145 35.39 -21.18 14.96
CA PHE D 145 34.51 -22.30 15.28
C PHE D 145 33.40 -22.53 14.24
N LEU D 146 33.21 -21.56 13.36
CA LEU D 146 32.15 -21.66 12.35
C LEU D 146 32.55 -22.55 11.17
N ALA D 147 32.75 -23.83 11.45
CA ALA D 147 33.17 -24.82 10.46
C ALA D 147 32.23 -25.03 9.26
N TYR D 148 30.96 -24.67 9.43
CA TYR D 148 29.96 -24.85 8.38
C TYR D 148 29.79 -23.63 7.49
N ALA D 149 30.61 -22.61 7.74
CA ALA D 149 30.51 -21.36 7.00
C ALA D 149 31.66 -20.99 6.09
N LYS D 150 31.37 -20.11 5.15
CA LYS D 150 32.36 -19.58 4.22
C LYS D 150 32.42 -18.09 4.55
N LYS D 151 31.44 -17.32 4.08
CA LYS D 151 31.41 -15.90 4.38
C LYS D 151 30.80 -15.63 5.76
N VAL D 152 31.57 -14.99 6.63
CA VAL D 152 31.12 -14.65 7.97
C VAL D 152 31.21 -13.13 8.11
N VAL D 153 30.06 -12.49 8.36
CA VAL D 153 30.02 -11.04 8.46
C VAL D 153 29.47 -10.52 9.80
N HIS D 154 30.25 -9.67 10.47
CA HIS D 154 29.81 -9.07 11.72
C HIS D 154 28.96 -7.86 11.32
N VAL D 155 27.65 -7.95 11.52
CA VAL D 155 26.77 -6.86 11.11
C VAL D 155 26.38 -5.82 12.15
N GLY D 156 26.62 -6.11 13.42
CA GLY D 156 26.28 -5.16 14.47
C GLY D 156 26.16 -5.80 15.85
N PRO D 157 25.55 -5.09 16.81
CA PRO D 157 25.37 -5.57 18.19
C PRO D 157 24.39 -6.73 18.23
N VAL D 158 24.25 -7.36 19.38
CA VAL D 158 23.33 -8.48 19.54
C VAL D 158 21.97 -8.12 18.94
N GLY D 159 21.44 -9.02 18.13
CA GLY D 159 20.15 -8.78 17.49
C GLY D 159 20.26 -8.35 16.05
N ALA D 160 21.41 -7.78 15.68
CA ALA D 160 21.63 -7.31 14.32
C ALA D 160 21.62 -8.45 13.29
N GLY D 161 22.14 -9.61 13.69
CA GLY D 161 22.16 -10.75 12.78
C GLY D 161 20.74 -11.18 12.46
N HIS D 162 19.93 -11.38 13.49
CA HIS D 162 18.55 -11.77 13.28
C HIS D 162 17.83 -10.73 12.43
N ALA D 163 18.10 -9.46 12.70
CA ALA D 163 17.46 -8.37 11.95
C ALA D 163 17.83 -8.42 10.47
N VAL D 164 19.10 -8.65 10.17
CA VAL D 164 19.51 -8.71 8.77
C VAL D 164 18.90 -9.92 8.07
N LYS D 165 18.80 -11.03 8.78
CA LYS D 165 18.21 -12.24 8.22
C LYS D 165 16.76 -11.98 7.81
N ALA D 166 16.02 -11.36 8.72
CA ALA D 166 14.61 -11.06 8.49
C ALA D 166 14.42 -10.07 7.36
N ILE D 167 15.21 -9.00 7.34
CA ILE D 167 15.10 -8.02 6.27
C ILE D 167 15.45 -8.64 4.92
N ASN D 168 16.49 -9.48 4.90
CA ASN D 168 16.88 -10.13 3.65
C ASN D 168 15.71 -10.91 3.05
N ASN D 169 15.06 -11.72 3.88
CA ASN D 169 13.94 -12.51 3.40
C ASN D 169 12.76 -11.63 3.01
N ALA D 170 12.66 -10.46 3.64
CA ALA D 170 11.57 -9.52 3.30
C ALA D 170 11.84 -8.96 1.91
N LEU D 171 13.11 -8.68 1.61
CA LEU D 171 13.48 -8.15 0.29
C LEU D 171 13.25 -9.23 -0.77
N LEU D 172 13.58 -10.46 -0.43
CA LEU D 172 13.35 -11.57 -1.36
C LEU D 172 11.87 -11.61 -1.68
N ALA D 173 11.04 -11.49 -0.64
CA ALA D 173 9.60 -11.53 -0.80
C ALA D 173 9.10 -10.42 -1.73
N VAL D 174 9.51 -9.18 -1.46
CA VAL D 174 9.08 -8.06 -2.30
C VAL D 174 9.51 -8.24 -3.75
N ASN D 175 10.78 -8.55 -3.96
CA ASN D 175 11.32 -8.72 -5.30
C ASN D 175 10.57 -9.79 -6.09
N LEU D 176 10.31 -10.91 -5.43
CA LEU D 176 9.61 -12.03 -6.04
C LEU D 176 8.17 -11.71 -6.42
N TRP D 177 7.43 -11.09 -5.51
CA TRP D 177 6.04 -10.76 -5.77
C TRP D 177 5.90 -9.69 -6.85
N ALA D 178 6.72 -8.65 -6.78
CA ALA D 178 6.65 -7.58 -7.78
C ALA D 178 6.96 -8.18 -9.15
N ALA D 179 7.99 -9.01 -9.21
CA ALA D 179 8.35 -9.65 -10.48
C ALA D 179 7.14 -10.42 -11.01
N GLY D 180 6.41 -11.07 -10.10
CA GLY D 180 5.24 -11.83 -10.50
C GLY D 180 4.16 -10.94 -11.12
N GLU D 181 3.85 -9.82 -10.47
CA GLU D 181 2.86 -8.88 -10.99
C GLU D 181 3.28 -8.41 -12.38
N GLY D 182 4.56 -8.07 -12.51
CA GLY D 182 5.07 -7.57 -13.77
C GLY D 182 5.02 -8.60 -14.89
N LEU D 183 5.55 -9.78 -14.61
CA LEU D 183 5.56 -10.85 -15.61
C LEU D 183 4.14 -11.25 -16.02
N LEU D 184 3.22 -11.27 -15.05
CA LEU D 184 1.84 -11.63 -15.33
C LEU D 184 1.25 -10.68 -16.38
N ALA D 185 1.50 -9.39 -16.22
CA ALA D 185 0.99 -8.40 -17.15
C ALA D 185 1.61 -8.59 -18.55
N LEU D 186 2.92 -8.81 -18.60
CA LEU D 186 3.60 -9.00 -19.88
C LEU D 186 3.08 -10.25 -20.59
N VAL D 187 2.96 -11.35 -19.85
CA VAL D 187 2.48 -12.61 -20.43
C VAL D 187 1.05 -12.44 -20.98
N LYS D 188 0.19 -11.77 -20.22
CA LYS D 188 -1.18 -11.55 -20.66
C LYS D 188 -1.26 -10.83 -22.00
N GLN D 189 -0.33 -9.92 -22.27
CA GLN D 189 -0.38 -9.21 -23.54
C GLN D 189 0.39 -9.88 -24.67
N GLY D 190 0.84 -11.12 -24.44
CA GLY D 190 1.55 -11.83 -25.49
C GLY D 190 3.05 -11.97 -25.40
N VAL D 191 3.70 -11.26 -24.50
CA VAL D 191 5.15 -11.38 -24.37
C VAL D 191 5.53 -12.73 -23.77
N SER D 192 6.58 -13.34 -24.33
CA SER D 192 7.06 -14.62 -23.84
C SER D 192 7.67 -14.43 -22.46
N ALA D 193 7.28 -15.28 -21.51
CA ALA D 193 7.83 -15.19 -20.16
C ALA D 193 9.33 -15.42 -20.22
N GLU D 194 9.72 -16.37 -21.06
CA GLU D 194 11.13 -16.72 -21.23
C GLU D 194 11.94 -15.52 -21.75
N LYS D 195 11.42 -14.86 -22.77
CA LYS D 195 12.12 -13.70 -23.34
C LYS D 195 12.10 -12.50 -22.39
N ALA D 196 10.99 -12.32 -21.68
CA ALA D 196 10.90 -11.21 -20.73
C ALA D 196 11.98 -11.39 -19.67
N LEU D 197 12.14 -12.61 -19.18
CA LEU D 197 13.15 -12.88 -18.16
C LEU D 197 14.56 -12.80 -18.71
N GLU D 198 14.74 -13.17 -19.97
CA GLU D 198 16.08 -13.08 -20.57
C GLU D 198 16.50 -11.62 -20.57
N VAL D 199 15.55 -10.74 -20.90
CA VAL D 199 15.83 -9.31 -20.92
C VAL D 199 16.06 -8.79 -19.50
N ILE D 200 15.10 -9.03 -18.62
CA ILE D 200 15.20 -8.56 -17.24
C ILE D 200 16.46 -8.99 -16.51
N ASN D 201 16.85 -10.25 -16.69
CA ASN D 201 18.04 -10.78 -16.02
C ASN D 201 19.34 -10.19 -16.56
N ALA D 202 19.24 -9.43 -17.64
CA ALA D 202 20.39 -8.77 -18.24
C ALA D 202 20.16 -7.27 -18.11
N SER D 203 19.17 -6.89 -17.31
CA SER D 203 18.83 -5.49 -17.12
C SER D 203 18.80 -5.03 -15.65
N SER D 204 18.49 -3.75 -15.45
CA SER D 204 18.47 -3.16 -14.13
C SER D 204 17.44 -3.72 -13.13
N GLY D 205 16.38 -4.35 -13.65
CA GLY D 205 15.36 -4.90 -12.78
C GLY D 205 15.64 -6.27 -12.21
N ARG D 206 16.77 -6.87 -12.61
CA ARG D 206 17.12 -8.20 -12.14
C ARG D 206 17.33 -8.33 -10.63
N SER D 207 17.07 -9.53 -10.13
CA SER D 207 17.24 -9.86 -8.73
C SER D 207 17.44 -11.37 -8.65
N ASN D 208 17.82 -11.87 -7.48
CA ASN D 208 18.01 -13.30 -7.30
C ASN D 208 16.69 -14.01 -7.66
N ALA D 209 15.56 -13.35 -7.38
CA ALA D 209 14.26 -13.93 -7.67
C ALA D 209 14.03 -14.18 -9.17
N THR D 210 14.35 -13.20 -10.00
CA THR D 210 14.16 -13.34 -11.44
C THR D 210 15.24 -14.22 -12.06
N GLU D 211 16.43 -14.18 -11.45
CA GLU D 211 17.58 -14.93 -11.94
C GLU D 211 17.60 -16.42 -11.59
N ASN D 212 17.36 -16.74 -10.33
CA ASN D 212 17.44 -18.12 -9.88
C ASN D 212 16.18 -18.81 -9.36
N LEU D 213 15.05 -18.12 -9.31
CA LEU D 213 13.84 -18.75 -8.78
C LEU D 213 12.70 -18.90 -9.79
N ILE D 214 12.30 -17.80 -10.42
CA ILE D 214 11.20 -17.83 -11.37
C ILE D 214 11.42 -18.69 -12.61
N PRO D 215 12.55 -18.50 -13.32
CA PRO D 215 12.73 -19.33 -14.51
C PRO D 215 12.86 -20.83 -14.21
N GLN D 216 13.53 -21.18 -13.12
CA GLN D 216 13.73 -22.58 -12.75
C GLN D 216 12.53 -23.26 -12.09
N ARG D 217 11.71 -22.49 -11.37
CA ARG D 217 10.58 -23.07 -10.67
C ARG D 217 9.19 -22.76 -11.20
N VAL D 218 9.01 -21.58 -11.75
CA VAL D 218 7.72 -21.15 -12.28
C VAL D 218 7.52 -21.47 -13.75
N LEU D 219 8.45 -21.02 -14.60
CA LEU D 219 8.32 -21.27 -16.03
C LEU D 219 8.25 -22.76 -16.36
N THR D 220 8.94 -23.57 -15.57
CA THR D 220 8.98 -25.01 -15.77
C THR D 220 7.81 -25.73 -15.12
N ARG D 221 7.13 -25.05 -14.21
CA ARG D 221 6.00 -25.59 -13.46
C ARG D 221 6.48 -26.62 -12.44
N ALA D 222 7.79 -26.63 -12.19
CA ALA D 222 8.39 -27.57 -11.25
C ALA D 222 8.02 -27.27 -9.80
N PHE D 223 8.04 -25.99 -9.44
CA PHE D 223 7.72 -25.56 -8.08
C PHE D 223 8.25 -26.50 -7.00
N PRO D 224 9.58 -26.69 -6.96
CA PRO D 224 10.18 -27.58 -5.95
C PRO D 224 10.05 -26.99 -4.55
N LYS D 225 9.95 -27.86 -3.55
CA LYS D 225 9.80 -27.42 -2.17
C LYS D 225 11.16 -27.28 -1.48
N THR D 226 11.53 -26.05 -1.17
CA THR D 226 12.81 -25.79 -0.51
C THR D 226 12.64 -24.87 0.71
N PHE D 227 11.64 -24.00 0.67
CA PHE D 227 11.38 -23.07 1.77
C PHE D 227 9.87 -22.82 1.81
N ALA D 228 9.20 -23.37 2.81
CA ALA D 228 7.75 -23.24 2.95
C ALA D 228 7.22 -21.81 2.98
N LEU D 229 6.08 -21.61 2.32
CA LEU D 229 5.43 -20.31 2.28
C LEU D 229 5.12 -19.85 3.70
N GLY D 230 4.70 -20.78 4.55
CA GLY D 230 4.40 -20.44 5.93
C GLY D 230 5.61 -19.90 6.66
N LEU D 231 6.78 -20.43 6.34
CA LEU D 231 8.02 -19.98 6.97
C LEU D 231 8.41 -18.60 6.46
N LEU D 232 8.15 -18.32 5.20
CA LEU D 232 8.48 -17.00 4.66
C LEU D 232 7.58 -15.96 5.32
N VAL D 233 6.31 -16.30 5.52
CA VAL D 233 5.38 -15.38 6.16
C VAL D 233 5.85 -15.15 7.60
N LYS D 234 6.36 -16.20 8.23
CA LYS D 234 6.86 -16.09 9.58
C LYS D 234 8.05 -15.12 9.61
N ASP D 235 8.94 -15.23 8.62
CA ASP D 235 10.09 -14.33 8.58
C ASP D 235 9.65 -12.91 8.28
N LEU D 236 8.63 -12.77 7.44
CA LEU D 236 8.11 -11.44 7.13
C LEU D 236 7.58 -10.84 8.43
N GLY D 237 7.01 -11.68 9.28
CA GLY D 237 6.49 -11.22 10.56
C GLY D 237 7.61 -10.68 11.42
N ILE D 238 8.73 -11.39 11.45
CA ILE D 238 9.89 -10.95 12.22
C ILE D 238 10.38 -9.63 11.64
N ALA D 239 10.33 -9.52 10.31
CA ALA D 239 10.76 -8.30 9.64
C ALA D 239 9.88 -7.11 10.05
N GLY D 241 8.60 -6.70 12.82
CA GLY D 241 9.04 -6.36 14.16
C GLY D 241 10.25 -5.44 14.08
N VAL D 242 11.10 -5.68 13.09
CA VAL D 242 12.28 -4.85 12.89
C VAL D 242 11.81 -3.45 12.49
N LEU D 243 10.82 -3.41 11.61
CA LEU D 243 10.22 -2.17 11.13
C LEU D 243 9.61 -1.37 12.28
N ASP D 244 9.11 -2.10 13.28
CA ASP D 244 8.43 -1.50 14.42
C ASP D 244 9.38 -0.79 15.38
N GLY D 245 10.67 -1.01 15.22
CA GLY D 245 11.64 -0.37 16.10
C GLY D 245 11.61 1.14 16.04
N GLU D 246 11.64 1.68 14.82
CA GLU D 246 11.62 3.12 14.58
C GLU D 246 10.32 3.53 13.91
N LYS D 247 9.67 2.58 13.25
CA LYS D 247 8.42 2.82 12.55
C LYS D 247 8.51 3.93 11.50
N ALA D 248 9.63 3.99 10.80
CA ALA D 248 9.80 4.97 9.73
C ALA D 248 8.90 4.46 8.60
N PRO D 249 8.34 5.37 7.79
CA PRO D 249 7.46 4.97 6.68
C PRO D 249 8.01 3.83 5.82
N SER D 250 7.32 2.70 5.82
CA SER D 250 7.76 1.53 5.07
C SER D 250 6.59 0.87 4.34
N PRO D 251 5.91 1.63 3.47
CA PRO D 251 4.76 1.09 2.75
C PRO D 251 4.96 -0.20 1.96
N LEU D 252 6.05 -0.31 1.22
CA LEU D 252 6.26 -1.51 0.41
C LEU D 252 6.47 -2.79 1.21
N LEU D 253 7.33 -2.73 2.22
CA LEU D 253 7.58 -3.91 3.04
C LEU D 253 6.35 -4.30 3.86
N ARG D 254 5.57 -3.32 4.32
CA ARG D 254 4.38 -3.63 5.09
C ARG D 254 3.36 -4.35 4.18
N LEU D 255 3.21 -3.87 2.96
CA LEU D 255 2.28 -4.47 2.01
C LEU D 255 2.70 -5.90 1.67
N ALA D 256 4.00 -6.12 1.55
CA ALA D 256 4.53 -7.44 1.23
C ALA D 256 4.05 -8.50 2.21
N ARG D 257 4.00 -8.17 3.50
CA ARG D 257 3.56 -9.14 4.50
C ARG D 257 2.11 -9.53 4.25
N GLU D 258 1.28 -8.53 3.92
CA GLU D 258 -0.14 -8.78 3.70
C GLU D 258 -0.41 -9.63 2.46
N VAL D 259 0.29 -9.37 1.36
CA VAL D 259 0.06 -10.15 0.15
C VAL D 259 0.51 -11.61 0.29
N TYR D 260 1.58 -11.85 1.03
CA TYR D 260 2.04 -13.23 1.23
C TYR D 260 1.11 -13.93 2.20
N GLU D 261 0.50 -13.17 3.10
CA GLU D 261 -0.44 -13.77 4.03
C GLU D 261 -1.63 -14.27 3.19
N ALA D 263 -1.54 -15.27 0.09
CA ALA D 263 -1.07 -16.47 -0.58
C ALA D 263 -1.13 -17.65 0.40
N LYS D 264 -0.67 -17.43 1.62
CA LYS D 264 -0.68 -18.47 2.64
C LYS D 264 -2.09 -18.96 2.94
N ARG D 265 -3.04 -18.05 3.02
CA ARG D 265 -4.41 -18.44 3.31
C ARG D 265 -5.10 -19.13 2.13
N GLU D 266 -4.67 -18.78 0.92
CA GLU D 266 -5.26 -19.37 -0.28
C GLU D 266 -4.62 -20.69 -0.71
N LEU D 267 -3.30 -20.78 -0.55
CA LEU D 267 -2.56 -21.98 -0.96
C LEU D 267 -2.13 -22.91 0.16
N GLY D 268 -2.13 -22.40 1.39
CA GLY D 268 -1.72 -23.22 2.52
C GLY D 268 -0.27 -22.97 2.87
N PRO D 269 0.13 -23.18 4.13
CA PRO D 269 1.51 -22.97 4.61
C PRO D 269 2.54 -23.93 4.02
N ASP D 270 2.11 -25.15 3.72
CA ASP D 270 3.00 -26.19 3.17
C ASP D 270 3.45 -25.98 1.73
N ALA D 271 2.80 -25.08 1.01
CA ALA D 271 3.20 -24.80 -0.37
C ALA D 271 4.58 -24.16 -0.29
N ASP D 272 5.36 -24.23 -1.37
CA ASP D 272 6.68 -23.61 -1.35
C ASP D 272 6.48 -22.10 -1.44
N HIS D 273 7.44 -21.33 -0.94
CA HIS D 273 7.31 -19.88 -0.96
C HIS D 273 7.14 -19.29 -2.36
N VAL D 274 7.78 -19.90 -3.35
CA VAL D 274 7.68 -19.42 -4.72
C VAL D 274 6.30 -19.68 -5.31
N GLU D 275 5.54 -20.57 -4.69
CA GLU D 275 4.20 -20.88 -5.18
C GLU D 275 3.23 -19.73 -4.90
N ALA D 276 3.70 -18.73 -4.18
CA ALA D 276 2.86 -17.57 -3.89
C ALA D 276 2.41 -16.97 -5.23
N LEU D 277 3.25 -17.10 -6.25
CA LEU D 277 2.93 -16.58 -7.57
C LEU D 277 1.72 -17.29 -8.18
N ARG D 278 1.40 -18.48 -7.68
CA ARG D 278 0.25 -19.21 -8.19
C ARG D 278 -1.03 -18.41 -7.95
N LEU D 279 -1.04 -17.61 -6.88
CA LEU D 279 -2.22 -16.79 -6.60
C LEU D 279 -2.38 -15.74 -7.68
N LEU D 280 -1.26 -15.16 -8.11
CA LEU D 280 -1.30 -14.14 -9.17
C LEU D 280 -1.74 -14.79 -10.49
N GLU D 281 -1.30 -16.04 -10.70
CA GLU D 281 -1.66 -16.77 -11.91
C GLU D 281 -3.16 -17.05 -11.91
N ARG D 282 -3.69 -17.40 -10.74
CA ARG D 282 -5.12 -17.67 -10.60
C ARG D 282 -5.93 -16.44 -10.99
N TRP D 283 -5.58 -15.30 -10.39
CA TRP D 283 -6.29 -14.06 -10.69
C TRP D 283 -6.15 -13.63 -12.14
N GLY D 284 -4.94 -13.71 -12.67
CA GLY D 284 -4.70 -13.32 -14.04
C GLY D 284 -5.30 -14.25 -15.08
N GLY D 285 -5.58 -15.48 -14.69
CA GLY D 285 -6.15 -16.44 -15.62
C GLY D 285 -5.13 -16.94 -16.64
N VAL D 286 -3.86 -16.93 -16.25
CA VAL D 286 -2.80 -17.40 -17.14
C VAL D 286 -1.57 -17.79 -16.33
N GLU D 287 -0.83 -18.79 -16.79
CA GLU D 287 0.36 -19.23 -16.09
C GLU D 287 1.56 -18.44 -16.59
N ILE D 288 2.51 -18.17 -15.68
CA ILE D 288 3.71 -17.46 -16.04
C ILE D 288 4.68 -18.50 -16.59
N ARG D 289 4.55 -18.76 -17.89
CA ARG D 289 5.40 -19.75 -18.55
C ARG D 289 5.48 -19.41 -20.03
#